data_5T42
#
_entry.id   5T42
#
_entity_poly.entity_id   1
_entity_poly.type   'polypeptide(L)'
_entity_poly.pdbx_seq_one_letter_code
;GSDKTLPDQGDNDNWWTGWRQWIPAGIGVTGVVIAVIALFAIAKFVF
;
_entity_poly.pdbx_strand_id   A
#
# COMPACT_ATOMS: atom_id res chain seq x y z
N GLY A 1 11.50 -6.41 19.20
CA GLY A 1 12.46 -5.48 18.55
C GLY A 1 13.27 -6.16 17.46
N SER A 2 12.61 -6.51 16.36
CA SER A 2 13.27 -7.16 15.24
C SER A 2 13.53 -6.18 14.11
N ASP A 3 12.50 -5.42 13.74
CA ASP A 3 12.63 -4.44 12.67
C ASP A 3 11.96 -3.12 13.04
N LYS A 4 10.72 -2.94 12.59
CA LYS A 4 9.97 -1.72 12.86
C LYS A 4 9.93 -1.43 14.35
N THR A 5 9.75 -2.46 15.16
CA THR A 5 9.70 -2.30 16.62
C THR A 5 9.57 -3.63 17.35
N LEU A 6 9.09 -4.61 16.64
CA LEU A 6 8.91 -5.95 17.18
C LEU A 6 8.27 -6.89 16.16
N PRO A 7 7.06 -6.54 15.67
CA PRO A 7 6.37 -7.38 14.68
C PRO A 7 7.23 -7.54 13.44
N ASP A 8 8.20 -6.63 13.29
CA ASP A 8 9.13 -6.64 12.18
C ASP A 8 8.53 -7.24 10.91
N GLN A 9 7.27 -6.89 10.67
CA GLN A 9 6.54 -7.37 9.49
C GLN A 9 6.77 -8.87 9.27
N GLY A 10 6.49 -9.66 10.31
CA GLY A 10 6.67 -11.09 10.22
C GLY A 10 5.48 -11.85 10.76
N ASP A 11 5.01 -11.44 11.93
CA ASP A 11 3.86 -12.09 12.56
C ASP A 11 2.58 -11.29 12.31
N ASN A 12 2.73 -9.99 12.12
CA ASN A 12 1.59 -9.13 11.86
C ASN A 12 1.97 -7.97 10.95
N ASP A 13 2.24 -8.29 9.68
CA ASP A 13 2.62 -7.28 8.69
C ASP A 13 1.40 -6.78 7.91
N ASN A 14 0.40 -7.64 7.80
CA ASN A 14 -0.82 -7.31 7.07
C ASN A 14 -1.61 -6.20 7.76
N TRP A 15 -1.37 -6.01 9.05
CA TRP A 15 -2.10 -4.99 9.81
C TRP A 15 -2.09 -3.64 9.08
N TRP A 16 -1.04 -3.41 8.30
CA TRP A 16 -0.91 -2.16 7.55
C TRP A 16 -0.43 -2.41 6.12
N THR A 17 -0.48 -3.66 5.68
CA THR A 17 -0.05 -3.99 4.32
C THR A 17 -0.69 -5.28 3.83
N GLY A 18 -1.86 -5.61 4.39
CA GLY A 18 -2.56 -6.82 3.99
C GLY A 18 -4.06 -6.63 3.98
N TRP A 19 -4.70 -6.92 5.12
CA TRP A 19 -6.15 -6.78 5.25
C TRP A 19 -6.55 -5.31 5.31
N ARG A 20 -5.60 -4.45 5.67
CA ARG A 20 -5.84 -3.02 5.78
C ARG A 20 -5.66 -2.36 4.42
N GLN A 21 -5.01 -3.08 3.51
CA GLN A 21 -4.76 -2.58 2.18
C GLN A 21 -6.05 -2.46 1.38
N TRP A 22 -7.05 -3.26 1.77
CA TRP A 22 -8.34 -3.24 1.09
C TRP A 22 -9.44 -3.82 1.98
N ILE A 23 -9.64 -3.21 3.15
CA ILE A 23 -10.66 -3.67 4.08
C ILE A 23 -12.05 -3.49 3.49
N PRO A 24 -12.34 -2.30 2.94
CA PRO A 24 -13.63 -1.99 2.35
C PRO A 24 -13.71 -2.36 0.86
N ALA A 25 -13.09 -1.54 0.01
CA ALA A 25 -13.09 -1.77 -1.43
C ALA A 25 -12.58 -0.55 -2.18
N GLY A 26 -11.28 -0.49 -2.37
CA GLY A 26 -10.68 0.64 -3.07
C GLY A 26 -10.01 1.62 -2.13
N ILE A 27 -9.20 1.09 -1.22
CA ILE A 27 -8.48 1.93 -0.26
C ILE A 27 -6.98 1.85 -0.48
N GLY A 28 -6.50 0.69 -0.92
CA GLY A 28 -5.08 0.51 -1.16
C GLY A 28 -4.83 -0.12 -2.52
N VAL A 29 -5.54 -1.20 -2.80
CA VAL A 29 -5.41 -1.90 -4.07
C VAL A 29 -5.98 -1.04 -5.19
N THR A 30 -7.12 -0.44 -4.92
CA THR A 30 -7.77 0.45 -5.87
C THR A 30 -7.89 1.86 -5.28
N GLY A 31 -7.71 1.95 -3.96
CA GLY A 31 -7.78 3.24 -3.30
C GLY A 31 -6.46 4.01 -3.39
N VAL A 32 -5.37 3.35 -3.03
CA VAL A 32 -4.05 3.96 -3.08
C VAL A 32 -3.47 3.88 -4.48
N VAL A 33 -3.28 2.66 -4.96
CA VAL A 33 -2.73 2.42 -6.29
C VAL A 33 -3.32 3.38 -7.33
N ILE A 34 -4.57 3.74 -7.13
CA ILE A 34 -5.25 4.64 -8.05
C ILE A 34 -4.80 6.09 -7.85
N ALA A 35 -4.56 6.47 -6.60
CA ALA A 35 -4.13 7.81 -6.29
C ALA A 35 -2.62 7.97 -6.49
N VAL A 36 -1.90 6.85 -6.40
CA VAL A 36 -0.45 6.87 -6.59
C VAL A 36 -0.09 6.79 -8.06
N ILE A 37 -0.80 5.90 -8.77
CA ILE A 37 -0.60 5.71 -10.19
C ILE A 37 -1.02 6.94 -10.97
N ALA A 38 -2.09 7.58 -10.51
CA ALA A 38 -2.61 8.78 -11.15
C ALA A 38 -1.48 9.70 -11.61
N LEU A 39 -0.41 9.72 -10.82
CA LEU A 39 0.75 10.54 -11.14
C LEU A 39 1.69 9.80 -12.09
N PHE A 40 2.23 8.68 -11.61
CA PHE A 40 3.14 7.86 -12.41
C PHE A 40 2.53 7.54 -13.77
N ALA A 41 1.20 7.52 -13.82
CA ALA A 41 0.48 7.23 -15.04
C ALA A 41 0.62 8.38 -16.04
N ILE A 42 0.91 9.57 -15.53
CA ILE A 42 1.07 10.75 -16.39
C ILE A 42 2.50 10.84 -16.91
N ALA A 43 3.44 10.46 -16.06
CA ALA A 43 4.83 10.48 -16.42
C ALA A 43 5.10 9.57 -17.61
N LYS A 44 4.35 8.50 -17.68
CA LYS A 44 4.48 7.54 -18.77
C LYS A 44 3.56 7.92 -19.93
N PHE A 45 2.58 8.77 -19.65
CA PHE A 45 1.63 9.21 -20.66
C PHE A 45 2.15 10.46 -21.37
N VAL A 46 2.83 11.32 -20.63
CA VAL A 46 3.37 12.54 -21.20
C VAL A 46 4.83 12.38 -21.58
N PHE A 47 5.49 11.37 -21.02
CA PHE A 47 6.89 11.12 -21.33
C PHE A 47 7.09 9.66 -21.77
N GLY A 1 12.53 -3.89 17.20
CA GLY A 1 12.24 -3.31 15.85
C GLY A 1 12.82 -4.13 14.72
N SER A 2 11.98 -4.94 14.08
CA SER A 2 12.42 -5.78 12.98
C SER A 2 12.43 -5.00 11.68
N ASP A 3 11.38 -4.21 11.44
CA ASP A 3 11.28 -3.42 10.22
C ASP A 3 10.77 -2.01 10.52
N LYS A 4 9.47 -1.81 10.31
CA LYS A 4 8.85 -0.51 10.55
C LYS A 4 9.17 0.03 11.94
N THR A 5 9.10 -0.86 12.94
CA THR A 5 9.40 -0.44 14.32
C THR A 5 9.34 -1.60 15.31
N LEU A 6 8.65 -2.65 14.90
CA LEU A 6 8.52 -3.85 15.73
C LEU A 6 7.65 -4.90 15.04
N PRO A 7 6.40 -4.57 14.71
CA PRO A 7 5.52 -5.51 14.02
C PRO A 7 6.12 -5.92 12.69
N ASP A 8 7.05 -5.09 12.21
CA ASP A 8 7.76 -5.33 10.96
C ASP A 8 6.84 -5.97 9.90
N GLN A 9 7.46 -6.59 8.90
CA GLN A 9 6.71 -7.22 7.82
C GLN A 9 6.78 -8.74 7.92
N GLY A 10 6.02 -9.31 8.86
CA GLY A 10 6.00 -10.74 9.04
C GLY A 10 5.08 -11.17 10.16
N ASP A 11 4.99 -10.34 11.20
CA ASP A 11 4.12 -10.64 12.34
C ASP A 11 2.70 -10.15 12.08
N ASN A 12 2.57 -9.09 11.29
CA ASN A 12 1.27 -8.53 10.97
C ASN A 12 1.38 -7.43 9.92
N ASP A 13 2.20 -7.67 8.89
CA ASP A 13 2.39 -6.71 7.81
C ASP A 13 1.06 -6.36 7.14
N ASN A 14 0.08 -7.24 7.28
CA ASN A 14 -1.25 -7.05 6.70
C ASN A 14 -1.85 -5.70 7.09
N TRP A 15 -1.35 -5.11 8.17
CA TRP A 15 -1.86 -3.82 8.64
C TRP A 15 -1.96 -2.82 7.49
N TRP A 16 -1.10 -2.99 6.49
CA TRP A 16 -1.09 -2.09 5.33
C TRP A 16 -0.62 -2.83 4.08
N THR A 17 -0.80 -4.16 4.07
CA THR A 17 -0.39 -4.97 2.93
C THR A 17 -1.18 -6.27 2.88
N GLY A 18 -2.34 -6.30 3.51
CA GLY A 18 -3.17 -7.50 3.51
C GLY A 18 -4.64 -7.21 3.61
N TRP A 19 -5.30 -7.80 4.60
CA TRP A 19 -6.73 -7.61 4.81
C TRP A 19 -7.06 -6.15 5.10
N ARG A 20 -6.06 -5.39 5.54
CA ARG A 20 -6.24 -3.99 5.86
C ARG A 20 -6.06 -3.14 4.61
N GLN A 21 -5.46 -3.73 3.58
CA GLN A 21 -5.23 -3.03 2.33
C GLN A 21 -6.51 -2.84 1.54
N TRP A 22 -7.56 -3.56 1.92
CA TRP A 22 -8.84 -3.46 1.22
C TRP A 22 -9.99 -3.94 2.09
N ILE A 23 -10.07 -3.44 3.32
CA ILE A 23 -11.14 -3.83 4.24
C ILE A 23 -12.50 -3.40 3.69
N PRO A 24 -12.61 -2.13 3.26
CA PRO A 24 -13.84 -1.57 2.73
C PRO A 24 -13.89 -1.64 1.19
N ALA A 25 -13.17 -0.75 0.53
CA ALA A 25 -13.14 -0.71 -0.93
C ALA A 25 -12.49 0.58 -1.41
N GLY A 26 -11.19 0.52 -1.71
CA GLY A 26 -10.48 1.70 -2.17
C GLY A 26 -9.61 2.32 -1.09
N ILE A 27 -8.93 1.46 -0.34
CA ILE A 27 -8.05 1.91 0.74
C ILE A 27 -6.58 1.61 0.43
N GLY A 28 -6.32 0.43 -0.13
CA GLY A 28 -4.97 0.03 -0.45
C GLY A 28 -4.86 -0.54 -1.84
N VAL A 29 -5.69 -1.55 -2.12
CA VAL A 29 -5.71 -2.18 -3.43
C VAL A 29 -6.16 -1.18 -4.47
N THR A 30 -7.16 -0.39 -4.10
CA THR A 30 -7.68 0.65 -4.99
C THR A 30 -7.53 2.02 -4.34
N GLY A 31 -7.30 2.04 -3.03
CA GLY A 31 -7.12 3.29 -2.31
C GLY A 31 -5.71 3.82 -2.42
N VAL A 32 -4.74 2.97 -2.11
CA VAL A 32 -3.32 3.34 -2.16
C VAL A 32 -2.80 3.20 -3.58
N VAL A 33 -2.88 1.99 -4.12
CA VAL A 33 -2.42 1.70 -5.46
C VAL A 33 -2.83 2.80 -6.44
N ILE A 34 -3.96 3.42 -6.17
CA ILE A 34 -4.47 4.48 -7.03
C ILE A 34 -3.79 5.82 -6.75
N ALA A 35 -3.48 6.06 -5.48
CA ALA A 35 -2.82 7.29 -5.07
C ALA A 35 -1.32 7.24 -5.31
N VAL A 36 -0.76 6.02 -5.29
CA VAL A 36 0.67 5.85 -5.50
C VAL A 36 0.97 5.77 -6.99
N ILE A 37 0.04 5.19 -7.74
CA ILE A 37 0.18 5.05 -9.17
C ILE A 37 -0.21 6.35 -9.87
N ALA A 38 -1.24 6.99 -9.34
CA ALA A 38 -1.74 8.24 -9.90
C ALA A 38 -0.59 9.16 -10.31
N LEU A 39 0.52 9.09 -9.58
CA LEU A 39 1.68 9.90 -9.88
C LEU A 39 2.55 9.24 -10.95
N PHE A 40 3.08 8.06 -10.63
CA PHE A 40 3.92 7.33 -11.57
C PHE A 40 3.19 7.15 -12.90
N ALA A 41 1.87 7.14 -12.82
CA ALA A 41 1.03 6.98 -13.99
C ALA A 41 1.14 8.19 -14.92
N ILE A 42 1.56 9.33 -14.37
CA ILE A 42 1.71 10.54 -15.16
C ILE A 42 3.06 10.59 -15.83
N ALA A 43 4.07 10.11 -15.12
CA ALA A 43 5.42 10.08 -15.64
C ALA A 43 5.50 9.22 -16.89
N LYS A 44 4.67 8.20 -16.92
CA LYS A 44 4.62 7.30 -18.05
C LYS A 44 3.62 7.78 -19.10
N PHE A 45 2.73 8.67 -18.69
CA PHE A 45 1.72 9.21 -19.59
C PHE A 45 2.20 10.51 -20.24
N VAL A 46 2.97 11.29 -19.50
CA VAL A 46 3.49 12.55 -20.01
C VAL A 46 4.88 12.39 -20.60
N PHE A 47 5.49 11.23 -20.38
CA PHE A 47 6.82 10.95 -20.89
C PHE A 47 6.88 9.57 -21.55
N GLY A 1 12.34 -4.54 19.94
CA GLY A 1 12.94 -4.33 18.60
C GLY A 1 13.54 -5.60 18.01
N SER A 2 12.84 -6.17 17.03
CA SER A 2 13.30 -7.40 16.40
C SER A 2 13.52 -7.17 14.90
N ASP A 3 12.58 -6.51 14.25
CA ASP A 3 12.69 -6.24 12.82
C ASP A 3 12.24 -4.81 12.49
N LYS A 4 10.99 -4.67 12.10
CA LYS A 4 10.43 -3.37 11.75
C LYS A 4 10.65 -2.35 12.86
N THR A 5 10.46 -2.78 14.10
CA THR A 5 10.64 -1.90 15.25
C THR A 5 10.41 -2.63 16.57
N LEU A 6 9.69 -3.73 16.50
CA LEU A 6 9.38 -4.53 17.67
C LEU A 6 8.50 -5.71 17.32
N PRO A 7 7.31 -5.45 16.75
CA PRO A 7 6.40 -6.53 16.36
C PRO A 7 7.07 -7.47 15.37
N ASP A 8 8.12 -6.95 14.73
CA ASP A 8 8.92 -7.69 13.75
C ASP A 8 8.10 -8.74 13.01
N GLN A 9 6.87 -8.38 12.68
CA GLN A 9 5.97 -9.26 11.96
C GLN A 9 5.86 -10.62 12.64
N GLY A 10 4.81 -10.80 13.43
CA GLY A 10 4.61 -12.06 14.13
C GLY A 10 3.24 -12.14 14.77
N ASP A 11 2.79 -11.03 15.36
CA ASP A 11 1.49 -10.99 16.01
C ASP A 11 0.37 -10.79 14.98
N ASN A 12 0.63 -9.94 14.00
CA ASN A 12 -0.34 -9.66 12.96
C ASN A 12 0.22 -8.67 11.93
N ASP A 13 0.83 -9.20 10.88
CA ASP A 13 1.39 -8.37 9.82
C ASP A 13 0.28 -7.70 9.00
N ASN A 14 -0.93 -8.25 9.09
CA ASN A 14 -2.07 -7.72 8.37
C ASN A 14 -2.30 -6.23 8.63
N TRP A 15 -1.74 -5.74 9.74
CA TRP A 15 -1.88 -4.32 10.10
C TRP A 15 -1.59 -3.42 8.91
N TRP A 16 -0.72 -3.88 8.02
CA TRP A 16 -0.35 -3.11 6.83
C TRP A 16 -0.06 -4.03 5.65
N THR A 17 -0.56 -5.25 5.70
CA THR A 17 -0.34 -6.22 4.63
C THR A 17 -1.45 -7.27 4.60
N GLY A 18 -2.62 -6.91 5.12
CA GLY A 18 -3.74 -7.84 5.14
C GLY A 18 -5.08 -7.15 5.11
N TRP A 19 -5.51 -6.65 6.26
CA TRP A 19 -6.80 -5.96 6.36
C TRP A 19 -6.66 -4.47 6.01
N ARG A 20 -5.44 -3.95 6.11
CA ARG A 20 -5.16 -2.56 5.80
C ARG A 20 -4.90 -2.40 4.30
N GLN A 21 -4.63 -3.52 3.65
CA GLN A 21 -4.33 -3.52 2.23
C GLN A 21 -5.59 -3.22 1.40
N TRP A 22 -6.75 -3.39 2.03
CA TRP A 22 -8.02 -3.15 1.37
C TRP A 22 -9.16 -3.12 2.38
N ILE A 23 -9.07 -2.21 3.34
CA ILE A 23 -10.09 -2.08 4.36
C ILE A 23 -11.45 -1.76 3.74
N PRO A 24 -11.53 -0.68 2.93
CA PRO A 24 -12.76 -0.27 2.27
C PRO A 24 -13.19 -1.26 1.18
N ALA A 25 -12.38 -1.37 0.14
CA ALA A 25 -12.65 -2.26 -0.98
C ALA A 25 -11.71 -1.97 -2.13
N GLY A 26 -10.45 -2.26 -1.91
CA GLY A 26 -9.44 -2.03 -2.92
C GLY A 26 -8.60 -0.80 -2.64
N ILE A 27 -8.28 -0.57 -1.37
CA ILE A 27 -7.47 0.57 -0.99
C ILE A 27 -6.00 0.35 -1.39
N GLY A 28 -5.67 -0.91 -1.65
CA GLY A 28 -4.32 -1.25 -2.06
C GLY A 28 -4.28 -1.58 -3.52
N VAL A 29 -5.35 -2.23 -3.99
CA VAL A 29 -5.49 -2.61 -5.38
C VAL A 29 -5.98 -1.43 -6.22
N THR A 30 -6.79 -0.58 -5.60
CA THR A 30 -7.33 0.60 -6.26
C THR A 30 -6.96 1.87 -5.50
N GLY A 31 -6.62 1.72 -4.22
CA GLY A 31 -6.26 2.86 -3.42
C GLY A 31 -4.81 3.26 -3.63
N VAL A 32 -3.92 2.27 -3.65
CA VAL A 32 -2.50 2.50 -3.86
C VAL A 32 -2.19 2.62 -5.33
N VAL A 33 -2.46 1.54 -6.07
CA VAL A 33 -2.23 1.49 -7.50
C VAL A 33 -2.67 2.78 -8.19
N ILE A 34 -3.71 3.40 -7.64
CA ILE A 34 -4.24 4.63 -8.21
C ILE A 34 -3.39 5.84 -7.81
N ALA A 35 -2.85 5.81 -6.60
CA ALA A 35 -2.03 6.91 -6.11
C ALA A 35 -0.60 6.80 -6.65
N VAL A 36 -0.16 5.58 -6.94
CA VAL A 36 1.17 5.36 -7.46
C VAL A 36 1.19 5.54 -8.97
N ILE A 37 0.08 5.19 -9.59
CA ILE A 37 -0.07 5.32 -11.04
C ILE A 37 -0.48 6.73 -11.40
N ALA A 38 -1.33 7.32 -10.56
CA ALA A 38 -1.82 8.68 -10.78
C ALA A 38 -0.71 9.60 -11.26
N LEU A 39 0.51 9.33 -10.79
CA LEU A 39 1.66 10.13 -11.17
C LEU A 39 2.24 9.64 -12.49
N PHE A 40 2.72 8.40 -12.49
CA PHE A 40 3.30 7.81 -13.69
C PHE A 40 2.32 7.90 -14.86
N ALA A 41 1.04 7.97 -14.53
CA ALA A 41 -0.01 8.07 -15.53
C ALA A 41 0.04 9.42 -16.24
N ILE A 42 0.62 10.42 -15.59
CA ILE A 42 0.72 11.75 -16.19
C ILE A 42 1.94 11.87 -17.07
N ALA A 43 3.02 11.22 -16.65
CA ALA A 43 4.26 11.24 -17.40
C ALA A 43 4.06 10.62 -18.77
N LYS A 44 3.18 9.64 -18.83
CA LYS A 44 2.86 8.96 -20.09
C LYS A 44 1.72 9.65 -20.82
N PHE A 45 0.96 10.48 -20.09
CA PHE A 45 -0.16 11.20 -20.66
C PHE A 45 0.27 12.57 -21.18
N VAL A 46 1.22 13.18 -20.48
CA VAL A 46 1.71 14.50 -20.88
C VAL A 46 2.97 14.39 -21.74
N PHE A 47 3.54 13.19 -21.80
CA PHE A 47 4.74 12.97 -22.60
C PHE A 47 4.60 11.69 -23.44
N GLY A 1 14.42 -7.12 19.69
CA GLY A 1 13.12 -7.45 19.03
C GLY A 1 12.80 -8.93 19.10
N SER A 2 11.80 -9.35 18.33
CA SER A 2 11.40 -10.75 18.30
C SER A 2 11.51 -11.32 16.89
N ASP A 3 11.11 -10.53 15.90
CA ASP A 3 11.17 -10.96 14.51
C ASP A 3 11.59 -9.82 13.59
N LYS A 4 10.62 -9.19 12.94
CA LYS A 4 10.88 -8.09 12.02
C LYS A 4 11.72 -7.01 12.68
N THR A 5 11.44 -6.74 13.95
CA THR A 5 12.20 -5.72 14.69
C THR A 5 11.80 -5.69 16.16
N LEU A 6 10.61 -6.15 16.43
CA LEU A 6 10.08 -6.20 17.79
C LEU A 6 8.63 -6.63 17.79
N PRO A 7 7.77 -5.95 17.00
CA PRO A 7 6.35 -6.31 16.92
C PRO A 7 6.19 -7.77 16.52
N ASP A 8 7.24 -8.29 15.86
CA ASP A 8 7.28 -9.67 15.40
C ASP A 8 5.90 -10.25 15.13
N GLN A 9 5.11 -9.49 14.39
CA GLN A 9 3.75 -9.89 14.03
C GLN A 9 3.01 -10.51 15.22
N GLY A 10 2.61 -9.67 16.16
CA GLY A 10 1.90 -10.14 17.33
C GLY A 10 0.69 -9.29 17.68
N ASP A 11 0.87 -7.97 17.63
CA ASP A 11 -0.21 -7.05 17.94
C ASP A 11 -0.89 -6.56 16.66
N ASN A 12 -1.59 -7.46 15.99
CA ASN A 12 -2.30 -7.13 14.75
C ASN A 12 -1.31 -6.69 13.67
N ASP A 13 -0.77 -7.65 12.93
CA ASP A 13 0.17 -7.36 11.86
C ASP A 13 -0.48 -6.54 10.75
N ASN A 14 -1.81 -6.65 10.66
CA ASN A 14 -2.56 -5.92 9.65
C ASN A 14 -2.34 -4.41 9.73
N TRP A 15 -1.81 -3.94 10.86
CA TRP A 15 -1.55 -2.52 11.05
C TRP A 15 -0.82 -1.92 9.85
N TRP A 16 0.14 -2.67 9.31
CA TRP A 16 0.91 -2.22 8.15
C TRP A 16 0.99 -3.29 7.07
N THR A 17 0.11 -4.28 7.16
CA THR A 17 0.09 -5.37 6.18
C THR A 17 -1.31 -5.97 6.06
N GLY A 18 -2.32 -5.19 6.42
CA GLY A 18 -3.70 -5.66 6.35
C GLY A 18 -4.64 -4.58 5.89
N TRP A 19 -5.29 -3.92 6.85
CA TRP A 19 -6.23 -2.85 6.53
C TRP A 19 -5.51 -1.67 5.89
N ARG A 20 -4.20 -1.59 6.12
CA ARG A 20 -3.38 -0.53 5.56
C ARG A 20 -2.91 -0.95 4.18
N GLN A 21 -2.86 -2.26 3.96
CA GLN A 21 -2.42 -2.79 2.70
C GLN A 21 -3.60 -3.01 1.74
N TRP A 22 -4.76 -3.34 2.30
CA TRP A 22 -5.95 -3.56 1.50
C TRP A 22 -7.17 -3.81 2.40
N ILE A 23 -7.59 -2.79 3.13
CA ILE A 23 -8.74 -2.93 4.02
C ILE A 23 -10.04 -3.21 3.25
N PRO A 24 -10.20 -2.67 2.02
CA PRO A 24 -11.41 -2.88 1.24
C PRO A 24 -11.27 -4.06 0.27
N ALA A 25 -10.51 -3.85 -0.81
CA ALA A 25 -10.29 -4.88 -1.81
C ALA A 25 -9.42 -4.35 -2.92
N GLY A 26 -8.16 -4.13 -2.60
CA GLY A 26 -7.22 -3.63 -3.56
C GLY A 26 -6.91 -2.16 -3.35
N ILE A 27 -6.68 -1.78 -2.10
CA ILE A 27 -6.35 -0.39 -1.78
C ILE A 27 -4.92 -0.07 -2.24
N GLY A 28 -4.14 -1.13 -2.46
CA GLY A 28 -2.77 -0.95 -2.92
C GLY A 28 -2.66 -1.33 -4.38
N VAL A 29 -3.43 -2.32 -4.78
CA VAL A 29 -3.46 -2.80 -6.15
C VAL A 29 -4.34 -1.90 -7.02
N THR A 30 -5.37 -1.34 -6.40
CA THR A 30 -6.30 -0.45 -7.09
C THR A 30 -6.40 0.90 -6.39
N GLY A 31 -6.07 0.93 -5.10
CA GLY A 31 -6.14 2.17 -4.36
C GLY A 31 -4.89 3.02 -4.56
N VAL A 32 -3.73 2.38 -4.51
CA VAL A 32 -2.46 3.07 -4.70
C VAL A 32 -2.15 3.24 -6.18
N VAL A 33 -2.02 2.09 -6.85
CA VAL A 33 -1.73 2.07 -8.29
C VAL A 33 -2.56 3.10 -9.05
N ILE A 34 -3.76 3.33 -8.57
CA ILE A 34 -4.66 4.28 -9.20
C ILE A 34 -4.27 5.71 -8.86
N ALA A 35 -3.80 5.92 -7.63
CA ALA A 35 -3.38 7.23 -7.17
C ALA A 35 -1.96 7.55 -7.64
N VAL A 36 -1.18 6.50 -7.90
CA VAL A 36 0.19 6.67 -8.36
C VAL A 36 0.22 6.84 -9.87
N ILE A 37 -0.60 6.04 -10.55
CA ILE A 37 -0.70 6.09 -12.00
C ILE A 37 -1.40 7.36 -12.43
N ALA A 38 -2.39 7.78 -11.65
CA ALA A 38 -3.16 8.97 -11.96
C ALA A 38 -2.26 10.09 -12.47
N LEU A 39 -1.04 10.14 -11.94
CA LEU A 39 -0.07 11.14 -12.35
C LEU A 39 0.68 10.69 -13.60
N PHE A 40 1.43 9.59 -13.47
CA PHE A 40 2.18 9.05 -14.59
C PHE A 40 1.30 8.86 -15.82
N ALA A 41 0.01 8.66 -15.57
CA ALA A 41 -0.96 8.48 -16.63
C ALA A 41 -1.17 9.77 -17.42
N ILE A 42 -0.90 10.91 -16.78
CA ILE A 42 -1.05 12.20 -17.43
C ILE A 42 0.21 12.57 -18.21
N ALA A 43 1.34 12.21 -17.65
CA ALA A 43 2.63 12.48 -18.28
C ALA A 43 2.70 11.82 -19.64
N LYS A 44 2.04 10.68 -19.75
CA LYS A 44 2.02 9.94 -21.01
C LYS A 44 0.84 10.37 -21.88
N PHE A 45 -0.13 11.04 -21.26
CA PHE A 45 -1.31 11.52 -21.98
C PHE A 45 -1.09 12.93 -22.50
N VAL A 46 -0.36 13.73 -21.73
CA VAL A 46 -0.09 15.12 -22.12
C VAL A 46 1.26 15.24 -22.83
N PHE A 47 2.08 14.20 -22.73
CA PHE A 47 3.39 14.20 -23.38
C PHE A 47 3.61 12.92 -24.17
N GLY A 1 9.67 -10.78 22.15
CA GLY A 1 9.48 -10.14 20.82
C GLY A 1 10.69 -10.30 19.92
N SER A 2 10.58 -9.79 18.69
CA SER A 2 11.68 -9.88 17.74
C SER A 2 12.25 -8.49 17.44
N ASP A 3 11.36 -7.52 17.23
CA ASP A 3 11.78 -6.16 16.94
C ASP A 3 10.93 -5.15 17.71
N LYS A 4 9.95 -4.55 17.03
CA LYS A 4 9.07 -3.56 17.63
C LYS A 4 8.47 -4.08 18.93
N THR A 5 8.06 -5.34 18.93
CA THR A 5 7.47 -5.95 20.12
C THR A 5 7.27 -7.45 19.97
N LEU A 6 7.14 -7.87 18.73
CA LEU A 6 6.95 -9.27 18.40
C LEU A 6 6.73 -9.46 16.91
N PRO A 7 5.76 -8.75 16.33
CA PRO A 7 5.48 -8.85 14.89
C PRO A 7 6.74 -8.55 14.09
N ASP A 8 7.64 -7.79 14.72
CA ASP A 8 8.92 -7.40 14.13
C ASP A 8 8.86 -7.29 12.62
N GLN A 9 7.74 -6.76 12.14
CA GLN A 9 7.51 -6.57 10.71
C GLN A 9 7.99 -7.76 9.88
N GLY A 10 7.06 -8.67 9.60
CA GLY A 10 7.40 -9.86 8.83
C GLY A 10 6.42 -10.99 9.04
N ASP A 11 5.89 -11.08 10.26
CA ASP A 11 4.94 -12.12 10.59
C ASP A 11 3.54 -11.54 10.83
N ASN A 12 3.49 -10.26 11.17
CA ASN A 12 2.22 -9.59 11.42
C ASN A 12 2.27 -8.11 11.02
N ASP A 13 3.22 -7.76 10.17
CA ASP A 13 3.36 -6.37 9.72
C ASP A 13 2.10 -5.91 9.00
N ASN A 14 1.33 -6.87 8.49
CA ASN A 14 0.09 -6.57 7.78
C ASN A 14 -0.87 -5.75 8.63
N TRP A 15 -0.67 -5.78 9.96
CA TRP A 15 -1.53 -5.03 10.88
C TRP A 15 -1.71 -3.59 10.42
N TRP A 16 -0.72 -3.07 9.70
CA TRP A 16 -0.77 -1.70 9.20
C TRP A 16 -0.02 -1.56 7.88
N THR A 17 0.14 -2.68 7.16
CA THR A 17 0.84 -2.67 5.89
C THR A 17 0.47 -3.89 5.04
N GLY A 18 -0.71 -4.44 5.28
CA GLY A 18 -1.16 -5.60 4.53
C GLY A 18 -2.65 -5.57 4.24
N TRP A 19 -3.43 -6.25 5.08
CA TRP A 19 -4.87 -6.29 4.92
C TRP A 19 -5.49 -4.90 5.04
N ARG A 20 -4.77 -3.99 5.68
CA ARG A 20 -5.23 -2.63 5.87
C ARG A 20 -4.88 -1.77 4.66
N GLN A 21 -3.99 -2.29 3.82
CA GLN A 21 -3.57 -1.58 2.64
C GLN A 21 -4.64 -1.63 1.54
N TRP A 22 -5.61 -2.53 1.69
CA TRP A 22 -6.67 -2.67 0.70
C TRP A 22 -7.90 -3.37 1.28
N ILE A 23 -8.38 -2.89 2.43
CA ILE A 23 -9.56 -3.49 3.05
C ILE A 23 -10.81 -3.23 2.21
N PRO A 24 -11.04 -1.96 1.82
CA PRO A 24 -12.20 -1.58 1.02
C PRO A 24 -11.99 -1.79 -0.48
N ALA A 25 -10.85 -2.38 -0.84
CA ALA A 25 -10.53 -2.60 -2.25
C ALA A 25 -10.35 -1.27 -2.97
N GLY A 26 -9.13 -0.78 -2.99
CA GLY A 26 -8.83 0.48 -3.64
C GLY A 26 -8.61 1.61 -2.65
N ILE A 27 -7.76 1.36 -1.66
CA ILE A 27 -7.45 2.36 -0.64
C ILE A 27 -5.99 2.80 -0.72
N GLY A 28 -5.10 1.84 -0.97
CA GLY A 28 -3.68 2.14 -1.08
C GLY A 28 -3.04 1.41 -2.24
N VAL A 29 -3.09 0.08 -2.19
CA VAL A 29 -2.53 -0.74 -3.26
C VAL A 29 -3.22 -0.41 -4.58
N THR A 30 -4.53 -0.19 -4.49
CA THR A 30 -5.33 0.16 -5.65
C THR A 30 -5.96 1.54 -5.45
N GLY A 31 -6.00 2.00 -4.20
CA GLY A 31 -6.57 3.29 -3.91
C GLY A 31 -5.59 4.43 -4.14
N VAL A 32 -4.37 4.27 -3.62
CA VAL A 32 -3.32 5.27 -3.78
C VAL A 32 -2.63 5.11 -5.12
N VAL A 33 -2.03 3.94 -5.31
CA VAL A 33 -1.32 3.62 -6.54
C VAL A 33 -2.08 4.09 -7.77
N ILE A 34 -3.39 4.08 -7.68
CA ILE A 34 -4.25 4.50 -8.77
C ILE A 34 -4.34 6.02 -8.87
N ALA A 35 -4.32 6.69 -7.71
CA ALA A 35 -4.39 8.14 -7.67
C ALA A 35 -3.03 8.78 -7.93
N VAL A 36 -1.97 8.06 -7.60
CA VAL A 36 -0.62 8.54 -7.81
C VAL A 36 -0.16 8.27 -9.23
N ILE A 37 -0.58 7.12 -9.76
CA ILE A 37 -0.24 6.72 -11.11
C ILE A 37 -1.09 7.49 -12.10
N ALA A 38 -2.35 7.74 -11.72
CA ALA A 38 -3.28 8.47 -12.56
C ALA A 38 -2.61 9.65 -13.25
N LEU A 39 -1.64 10.26 -12.56
CA LEU A 39 -0.92 11.39 -13.12
C LEU A 39 0.22 10.92 -14.01
N PHE A 40 1.18 10.22 -13.41
CA PHE A 40 2.33 9.70 -14.16
C PHE A 40 1.86 8.88 -15.35
N ALA A 41 0.65 8.34 -15.25
CA ALA A 41 0.07 7.54 -16.30
C ALA A 41 -0.30 8.40 -17.51
N ILE A 42 -0.53 9.69 -17.28
CA ILE A 42 -0.89 10.60 -18.36
C ILE A 42 0.35 11.12 -19.06
N ALA A 43 1.37 11.41 -18.27
CA ALA A 43 2.63 11.91 -18.79
C ALA A 43 3.21 10.94 -19.79
N LYS A 44 3.00 9.66 -19.53
CA LYS A 44 3.50 8.61 -20.41
C LYS A 44 2.49 8.28 -21.50
N PHE A 45 1.23 8.67 -21.28
CA PHE A 45 0.17 8.42 -22.23
C PHE A 45 0.05 9.54 -23.24
N VAL A 46 0.33 10.77 -22.80
CA VAL A 46 0.25 11.93 -23.67
C VAL A 46 1.63 12.32 -24.20
N PHE A 47 2.68 11.78 -23.59
CA PHE A 47 4.05 12.08 -24.00
C PHE A 47 4.85 10.79 -24.15
N GLY A 1 12.87 -0.46 15.40
CA GLY A 1 12.61 -1.91 15.52
C GLY A 1 13.37 -2.73 14.49
N SER A 2 12.63 -3.49 13.68
CA SER A 2 13.23 -4.31 12.64
C SER A 2 12.91 -3.76 11.26
N ASP A 3 11.65 -3.38 11.05
CA ASP A 3 11.22 -2.83 9.77
C ASP A 3 10.24 -1.67 9.97
N LYS A 4 8.95 -1.96 9.81
CA LYS A 4 7.91 -0.94 9.96
C LYS A 4 8.01 -0.24 11.32
N THR A 5 8.21 -1.01 12.37
CA THR A 5 8.33 -0.45 13.72
C THR A 5 8.95 -1.44 14.70
N LEU A 6 8.75 -2.70 14.42
CA LEU A 6 9.28 -3.78 15.24
C LEU A 6 8.79 -5.13 14.74
N PRO A 7 7.46 -5.30 14.60
CA PRO A 7 6.90 -6.56 14.11
C PRO A 7 7.52 -6.93 12.78
N ASP A 8 8.01 -5.92 12.07
CA ASP A 8 8.66 -6.06 10.78
C ASP A 8 8.13 -7.28 10.00
N GLN A 9 6.83 -7.29 9.80
CA GLN A 9 6.16 -8.37 9.06
C GLN A 9 6.69 -9.74 9.48
N GLY A 10 5.98 -10.38 10.41
CA GLY A 10 6.39 -11.69 10.86
C GLY A 10 5.32 -12.37 11.70
N ASP A 11 4.66 -11.59 12.56
CA ASP A 11 3.61 -12.13 13.41
C ASP A 11 2.24 -11.57 13.00
N ASN A 12 2.23 -10.36 12.46
CA ASN A 12 0.99 -9.73 12.02
C ASN A 12 1.27 -8.57 11.07
N ASP A 13 1.34 -8.87 9.79
CA ASP A 13 1.60 -7.85 8.77
C ASP A 13 0.33 -7.47 8.04
N ASN A 14 -0.60 -8.42 7.95
CA ASN A 14 -1.88 -8.20 7.26
C ASN A 14 -2.72 -7.13 7.97
N TRP A 15 -2.49 -6.93 9.26
CA TRP A 15 -3.24 -5.94 10.02
C TRP A 15 -3.29 -4.60 9.30
N TRP A 16 -2.22 -4.29 8.56
CA TRP A 16 -2.13 -3.04 7.83
C TRP A 16 -1.72 -3.25 6.36
N THR A 17 -1.25 -4.45 6.04
CA THR A 17 -0.83 -4.75 4.67
C THR A 17 -1.41 -6.08 4.20
N GLY A 18 -2.62 -6.39 4.64
CA GLY A 18 -3.27 -7.62 4.24
C GLY A 18 -4.76 -7.48 4.09
N TRP A 19 -5.50 -7.84 5.14
CA TRP A 19 -6.96 -7.74 5.11
C TRP A 19 -7.40 -6.28 5.19
N ARG A 20 -6.59 -5.45 5.84
CA ARG A 20 -6.88 -4.03 5.96
C ARG A 20 -6.37 -3.27 4.75
N GLN A 21 -5.52 -3.93 3.97
CA GLN A 21 -4.95 -3.31 2.78
C GLN A 21 -6.00 -3.09 1.71
N TRP A 22 -7.17 -3.69 1.88
CA TRP A 22 -8.26 -3.54 0.92
C TRP A 22 -9.59 -3.96 1.53
N ILE A 23 -9.86 -3.49 2.76
CA ILE A 23 -11.10 -3.83 3.44
C ILE A 23 -12.25 -2.87 3.06
N PRO A 24 -11.94 -1.57 2.80
CA PRO A 24 -12.96 -0.59 2.46
C PRO A 24 -13.15 -0.45 0.95
N ALA A 25 -12.32 -1.15 0.18
CA ALA A 25 -12.38 -1.08 -1.27
C ALA A 25 -11.81 0.23 -1.79
N GLY A 26 -10.51 0.22 -2.04
CA GLY A 26 -9.84 1.42 -2.53
C GLY A 26 -9.01 2.09 -1.45
N ILE A 27 -8.23 1.29 -0.73
CA ILE A 27 -7.39 1.80 0.35
C ILE A 27 -5.90 1.63 0.03
N GLY A 28 -5.55 0.48 -0.56
CA GLY A 28 -4.16 0.22 -0.90
C GLY A 28 -4.01 -0.24 -2.33
N VAL A 29 -4.67 -1.35 -2.65
CA VAL A 29 -4.63 -1.90 -3.99
C VAL A 29 -5.22 -0.90 -4.98
N THR A 30 -6.28 -0.24 -4.56
CA THR A 30 -6.95 0.77 -5.38
C THR A 30 -6.91 2.12 -4.67
N GLY A 31 -6.68 2.11 -3.36
CA GLY A 31 -6.61 3.35 -2.61
C GLY A 31 -5.25 4.02 -2.70
N VAL A 32 -4.20 3.27 -2.40
CA VAL A 32 -2.84 3.78 -2.45
C VAL A 32 -2.29 3.75 -3.87
N VAL A 33 -2.19 2.54 -4.42
CA VAL A 33 -1.68 2.33 -5.77
C VAL A 33 -2.23 3.37 -6.74
N ILE A 34 -3.44 3.83 -6.48
CA ILE A 34 -4.08 4.81 -7.33
C ILE A 34 -3.51 6.21 -7.09
N ALA A 35 -3.16 6.49 -5.84
CA ALA A 35 -2.59 7.78 -5.48
C ALA A 35 -1.09 7.82 -5.80
N VAL A 36 -0.47 6.64 -5.84
CA VAL A 36 0.95 6.53 -6.13
C VAL A 36 1.17 6.53 -7.63
N ILE A 37 0.35 5.74 -8.32
CA ILE A 37 0.41 5.62 -9.76
C ILE A 37 -0.03 6.93 -10.41
N ALA A 38 -1.01 7.58 -9.80
CA ALA A 38 -1.54 8.84 -10.31
C ALA A 38 -0.42 9.74 -10.82
N LEU A 39 0.73 9.68 -10.14
CA LEU A 39 1.88 10.48 -10.52
C LEU A 39 2.68 9.79 -11.60
N PHE A 40 3.23 8.62 -11.28
CA PHE A 40 4.03 7.85 -12.22
C PHE A 40 3.26 7.63 -13.52
N ALA A 41 1.93 7.69 -13.43
CA ALA A 41 1.07 7.50 -14.59
C ALA A 41 1.13 8.72 -15.51
N ILE A 42 1.48 9.88 -14.96
CA ILE A 42 1.55 11.11 -15.76
C ILE A 42 2.85 11.15 -16.55
N ALA A 43 3.92 10.75 -15.91
CA ALA A 43 5.23 10.73 -16.54
C ALA A 43 5.23 9.85 -17.77
N LYS A 44 4.44 8.79 -17.69
CA LYS A 44 4.32 7.85 -18.81
C LYS A 44 3.20 8.27 -19.75
N PHE A 45 2.31 9.13 -19.26
CA PHE A 45 1.19 9.62 -20.07
C PHE A 45 1.60 10.83 -20.89
N VAL A 46 2.47 11.66 -20.31
CA VAL A 46 2.93 12.86 -20.99
C VAL A 46 4.31 12.66 -21.60
N PHE A 47 5.02 11.63 -21.14
CA PHE A 47 6.35 11.33 -21.65
C PHE A 47 6.46 9.87 -22.04
N GLY A 1 14.98 -0.79 13.58
CA GLY A 1 13.95 -1.51 12.78
C GLY A 1 14.45 -2.84 12.27
N SER A 2 13.56 -3.82 12.19
CA SER A 2 13.91 -5.15 11.70
C SER A 2 13.73 -5.24 10.19
N ASP A 3 12.64 -4.67 9.68
CA ASP A 3 12.38 -4.69 8.25
C ASP A 3 11.77 -3.37 7.77
N LYS A 4 10.46 -3.30 7.75
CA LYS A 4 9.75 -2.11 7.32
C LYS A 4 10.13 -0.90 8.17
N THR A 5 10.30 -1.13 9.48
CA THR A 5 10.67 -0.06 10.41
C THR A 5 10.89 -0.59 11.81
N LEU A 6 10.23 -1.67 12.11
CA LEU A 6 10.34 -2.32 13.41
C LEU A 6 9.42 -3.53 13.49
N PRO A 7 8.12 -3.37 13.21
CA PRO A 7 7.18 -4.48 13.24
C PRO A 7 7.65 -5.59 12.31
N ASP A 8 8.47 -5.19 11.33
CA ASP A 8 9.05 -6.10 10.34
C ASP A 8 8.16 -7.31 10.08
N GLN A 9 6.89 -7.04 9.82
CA GLN A 9 5.90 -8.08 9.54
C GLN A 9 6.06 -9.26 10.48
N GLY A 10 5.80 -9.02 11.77
CA GLY A 10 5.92 -10.08 12.76
C GLY A 10 4.66 -10.22 13.60
N ASP A 11 4.08 -9.10 13.99
CA ASP A 11 2.87 -9.11 14.81
C ASP A 11 1.66 -8.67 13.98
N ASN A 12 1.11 -9.61 13.21
CA ASN A 12 -0.05 -9.33 12.38
C ASN A 12 0.27 -8.26 11.34
N ASP A 13 0.91 -8.67 10.25
CA ASP A 13 1.28 -7.75 9.18
C ASP A 13 0.04 -7.23 8.47
N ASN A 14 -1.03 -8.02 8.48
CA ASN A 14 -2.29 -7.64 7.85
C ASN A 14 -2.80 -6.30 8.37
N TRP A 15 -2.36 -5.91 9.56
CA TRP A 15 -2.79 -4.65 10.16
C TRP A 15 -2.67 -3.50 9.16
N TRP A 16 -1.72 -3.62 8.23
CA TRP A 16 -1.51 -2.59 7.23
C TRP A 16 -1.10 -3.20 5.88
N THR A 17 -1.39 -4.48 5.70
CA THR A 17 -1.05 -5.17 4.47
C THR A 17 -1.94 -6.40 4.25
N GLY A 18 -3.13 -6.37 4.85
CA GLY A 18 -4.05 -7.49 4.71
C GLY A 18 -5.50 -7.04 4.70
N TRP A 19 -6.22 -7.35 5.77
CA TRP A 19 -7.63 -6.97 5.88
C TRP A 19 -7.80 -5.46 5.80
N ARG A 20 -6.72 -4.73 6.08
CA ARG A 20 -6.76 -3.28 6.02
C ARG A 20 -6.47 -2.80 4.61
N GLN A 21 -5.88 -3.69 3.81
CA GLN A 21 -5.53 -3.37 2.44
C GLN A 21 -6.75 -3.39 1.52
N TRP A 22 -7.91 -3.76 2.07
CA TRP A 22 -9.13 -3.82 1.28
C TRP A 22 -10.35 -4.02 2.19
N ILE A 23 -10.45 -3.19 3.23
CA ILE A 23 -11.57 -3.28 4.16
C ILE A 23 -12.90 -3.01 3.44
N PRO A 24 -13.04 -1.85 2.79
CA PRO A 24 -14.27 -1.49 2.07
C PRO A 24 -14.51 -2.38 0.86
N ALA A 25 -13.75 -2.15 -0.21
CA ALA A 25 -13.88 -2.92 -1.44
C ALA A 25 -12.91 -2.42 -2.48
N GLY A 26 -11.64 -2.64 -2.24
CA GLY A 26 -10.61 -2.21 -3.16
C GLY A 26 -9.87 -0.98 -2.68
N ILE A 27 -9.67 -0.88 -1.37
CA ILE A 27 -8.94 0.25 -0.80
C ILE A 27 -7.45 0.13 -1.10
N GLY A 28 -7.04 -1.06 -1.49
CA GLY A 28 -5.65 -1.31 -1.83
C GLY A 28 -5.48 -1.47 -3.32
N VAL A 29 -6.50 -2.06 -3.95
CA VAL A 29 -6.49 -2.27 -5.39
C VAL A 29 -6.94 -1.00 -6.11
N THR A 30 -7.81 -0.24 -5.45
CA THR A 30 -8.32 1.01 -6.01
C THR A 30 -8.07 2.17 -5.05
N GLY A 31 -7.88 1.85 -3.77
CA GLY A 31 -7.62 2.88 -2.78
C GLY A 31 -6.17 3.32 -2.76
N VAL A 32 -5.27 2.35 -2.63
CA VAL A 32 -3.84 2.62 -2.60
C VAL A 32 -3.28 2.75 -4.01
N VAL A 33 -3.41 1.68 -4.77
CA VAL A 33 -2.93 1.63 -6.15
C VAL A 33 -3.25 2.91 -6.90
N ILE A 34 -4.38 3.51 -6.55
CA ILE A 34 -4.81 4.74 -7.20
C ILE A 34 -4.00 5.94 -6.71
N ALA A 35 -3.68 5.94 -5.41
CA ALA A 35 -2.91 7.01 -4.81
C ALA A 35 -1.42 6.82 -5.06
N VAL A 36 -1.00 5.58 -5.29
CA VAL A 36 0.40 5.26 -5.54
C VAL A 36 0.73 5.46 -7.02
N ILE A 37 -0.19 5.00 -7.87
CA ILE A 37 -0.03 5.12 -9.30
C ILE A 37 -0.14 6.57 -9.73
N ALA A 38 -1.00 7.31 -9.04
CA ALA A 38 -1.21 8.72 -9.33
C ALA A 38 0.12 9.42 -9.65
N LEU A 39 1.17 8.99 -8.98
CA LEU A 39 2.50 9.55 -9.20
C LEU A 39 3.19 8.88 -10.38
N PHE A 40 3.43 7.57 -10.24
CA PHE A 40 4.09 6.80 -11.30
C PHE A 40 3.38 7.00 -12.63
N ALA A 41 2.09 7.32 -12.56
CA ALA A 41 1.29 7.55 -13.74
C ALA A 41 1.73 8.82 -14.47
N ILE A 42 2.40 9.72 -13.74
CA ILE A 42 2.86 10.97 -14.32
C ILE A 42 4.21 10.79 -14.98
N ALA A 43 5.04 9.99 -14.37
CA ALA A 43 6.37 9.71 -14.88
C ALA A 43 6.29 9.06 -16.25
N LYS A 44 5.25 8.26 -16.44
CA LYS A 44 5.04 7.57 -17.70
C LYS A 44 4.19 8.42 -18.64
N PHE A 45 3.50 9.42 -18.08
CA PHE A 45 2.65 10.30 -18.87
C PHE A 45 3.42 11.53 -19.34
N VAL A 46 4.34 12.00 -18.51
CA VAL A 46 5.15 13.17 -18.84
C VAL A 46 6.48 12.76 -19.47
N PHE A 47 6.81 11.49 -19.39
CA PHE A 47 8.05 10.99 -19.97
C PHE A 47 7.81 9.74 -20.80
N GLY A 1 15.39 -2.29 13.45
CA GLY A 1 14.72 -3.38 14.20
C GLY A 1 15.00 -4.75 13.63
N SER A 2 13.93 -5.45 13.22
CA SER A 2 14.07 -6.78 12.65
C SER A 2 13.80 -6.75 11.14
N ASP A 3 12.75 -6.04 10.73
CA ASP A 3 12.40 -5.94 9.32
C ASP A 3 11.97 -4.51 8.96
N LYS A 4 10.67 -4.29 8.82
CA LYS A 4 10.14 -2.99 8.47
C LYS A 4 10.72 -1.89 9.36
N THR A 5 10.86 -2.19 10.65
CA THR A 5 11.40 -1.22 11.60
C THR A 5 11.61 -1.84 12.97
N LEU A 6 10.85 -2.86 13.25
CA LEU A 6 10.92 -3.59 14.51
C LEU A 6 9.87 -4.69 14.59
N PRO A 7 8.59 -4.34 14.47
CA PRO A 7 7.51 -5.33 14.52
C PRO A 7 7.74 -6.45 13.52
N ASP A 8 8.56 -6.15 12.51
CA ASP A 8 8.91 -7.10 11.45
C ASP A 8 7.85 -8.18 11.26
N GLN A 9 6.65 -7.75 10.90
CA GLN A 9 5.52 -8.65 10.67
C GLN A 9 5.49 -9.79 11.68
N GLY A 10 5.20 -9.47 12.93
CA GLY A 10 5.15 -10.48 13.97
C GLY A 10 3.82 -10.50 14.69
N ASP A 11 3.35 -9.33 15.10
CA ASP A 11 2.07 -9.22 15.81
C ASP A 11 0.97 -8.77 14.86
N ASN A 12 0.42 -9.71 14.09
CA ASN A 12 -0.65 -9.41 13.15
C ASN A 12 -0.19 -8.37 12.13
N ASP A 13 0.43 -8.84 11.04
CA ASP A 13 0.91 -7.95 9.99
C ASP A 13 -0.25 -7.27 9.27
N ASN A 14 -1.40 -7.93 9.25
CA ASN A 14 -2.58 -7.39 8.59
C ASN A 14 -2.96 -6.02 9.15
N TRP A 15 -2.48 -5.71 10.35
CA TRP A 15 -2.79 -4.44 10.99
C TRP A 15 -2.57 -3.27 10.03
N TRP A 16 -1.62 -3.45 9.11
CA TRP A 16 -1.31 -2.41 8.13
C TRP A 16 -0.95 -3.01 6.77
N THR A 17 -1.36 -4.26 6.55
CA THR A 17 -1.08 -4.94 5.30
C THR A 17 -2.02 -6.12 5.08
N GLY A 18 -3.23 -6.03 5.65
CA GLY A 18 -4.19 -7.10 5.50
C GLY A 18 -5.61 -6.57 5.33
N TRP A 19 -6.45 -6.79 6.34
CA TRP A 19 -7.84 -6.34 6.30
C TRP A 19 -7.91 -4.83 6.11
N ARG A 20 -6.84 -4.13 6.45
CA ARG A 20 -6.78 -2.68 6.30
C ARG A 20 -6.31 -2.32 4.89
N GLN A 21 -5.67 -3.27 4.23
CA GLN A 21 -5.16 -3.06 2.89
C GLN A 21 -6.29 -3.01 1.88
N TRP A 22 -7.42 -3.65 2.22
CA TRP A 22 -8.57 -3.68 1.35
C TRP A 22 -9.81 -4.14 2.11
N ILE A 23 -10.20 -3.36 3.12
CA ILE A 23 -11.37 -3.69 3.93
C ILE A 23 -12.68 -3.60 3.13
N PRO A 24 -12.78 -2.66 2.16
CA PRO A 24 -13.98 -2.50 1.36
C PRO A 24 -13.90 -3.26 0.03
N ALA A 25 -13.09 -2.75 -0.90
CA ALA A 25 -12.92 -3.38 -2.21
C ALA A 25 -12.20 -2.43 -3.15
N GLY A 26 -10.88 -2.37 -3.02
CA GLY A 26 -10.09 -1.49 -3.86
C GLY A 26 -9.64 -0.24 -3.13
N ILE A 27 -9.16 -0.42 -1.91
CA ILE A 27 -8.68 0.70 -1.10
C ILE A 27 -7.16 0.77 -1.09
N GLY A 28 -6.52 -0.40 -1.14
CA GLY A 28 -5.07 -0.46 -1.13
C GLY A 28 -4.55 -1.01 -2.44
N VAL A 29 -5.28 -1.97 -2.99
CA VAL A 29 -4.91 -2.59 -4.25
C VAL A 29 -5.34 -1.71 -5.41
N THR A 30 -6.54 -1.14 -5.29
CA THR A 30 -7.07 -0.25 -6.30
C THR A 30 -7.29 1.15 -5.71
N GLY A 31 -7.27 1.24 -4.38
CA GLY A 31 -7.45 2.52 -3.72
C GLY A 31 -6.16 3.31 -3.64
N VAL A 32 -5.09 2.65 -3.20
CA VAL A 32 -3.79 3.29 -3.08
C VAL A 32 -3.07 3.27 -4.42
N VAL A 33 -2.83 2.06 -4.92
CA VAL A 33 -2.14 1.87 -6.20
C VAL A 33 -2.63 2.87 -7.25
N ILE A 34 -3.90 3.23 -7.15
CA ILE A 34 -4.50 4.16 -8.10
C ILE A 34 -4.12 5.61 -7.79
N ALA A 35 -4.01 5.92 -6.50
CA ALA A 35 -3.66 7.27 -6.07
C ALA A 35 -2.15 7.50 -6.14
N VAL A 36 -1.39 6.42 -6.01
CA VAL A 36 0.07 6.51 -6.07
C VAL A 36 0.54 6.48 -7.52
N ILE A 37 -0.16 5.70 -8.33
CA ILE A 37 0.16 5.57 -9.73
C ILE A 37 -0.40 6.75 -10.51
N ALA A 38 -1.58 7.20 -10.11
CA ALA A 38 -2.24 8.32 -10.75
C ALA A 38 -1.24 9.42 -11.11
N LEU A 39 -0.22 9.58 -10.27
CA LEU A 39 0.80 10.58 -10.50
C LEU A 39 1.88 10.05 -11.43
N PHE A 40 2.59 9.00 -11.00
CA PHE A 40 3.64 8.41 -11.81
C PHE A 40 3.12 8.05 -13.20
N ALA A 41 1.81 7.81 -13.27
CA ALA A 41 1.18 7.47 -14.53
C ALA A 41 1.23 8.65 -15.50
N ILE A 42 1.33 9.86 -14.96
CA ILE A 42 1.39 11.06 -15.80
C ILE A 42 2.82 11.34 -16.23
N ALA A 43 3.75 11.07 -15.33
CA ALA A 43 5.16 11.28 -15.60
C ALA A 43 5.61 10.44 -16.79
N LYS A 44 4.97 9.30 -16.95
CA LYS A 44 5.28 8.39 -18.05
C LYS A 44 4.42 8.72 -19.27
N PHE A 45 3.34 9.45 -19.05
CA PHE A 45 2.43 9.83 -20.12
C PHE A 45 2.85 11.16 -20.74
N VAL A 46 3.36 12.06 -19.91
CA VAL A 46 3.79 13.37 -20.38
C VAL A 46 5.29 13.39 -20.66
N PHE A 47 6.01 12.40 -20.14
CA PHE A 47 7.45 12.31 -20.36
C PHE A 47 7.85 10.92 -20.85
N GLY A 1 11.71 -4.22 19.69
CA GLY A 1 11.57 -3.92 18.24
C GLY A 1 12.40 -4.84 17.37
N SER A 2 12.04 -4.94 16.09
CA SER A 2 12.76 -5.80 15.16
C SER A 2 13.07 -5.04 13.87
N ASP A 3 12.06 -4.42 13.29
CA ASP A 3 12.23 -3.67 12.06
C ASP A 3 11.48 -2.34 12.11
N LYS A 4 10.24 -2.36 11.65
CA LYS A 4 9.40 -1.16 11.63
C LYS A 4 9.10 -0.68 13.04
N THR A 5 8.89 -1.62 13.95
CA THR A 5 8.60 -1.28 15.35
C THR A 5 8.75 -2.50 16.25
N LEU A 6 8.45 -3.64 15.69
CA LEU A 6 8.56 -4.91 16.40
C LEU A 6 8.03 -6.05 15.54
N PRO A 7 6.81 -5.92 15.01
CA PRO A 7 6.23 -6.96 14.16
C PRO A 7 7.16 -7.26 12.99
N ASP A 8 7.98 -6.26 12.66
CA ASP A 8 8.95 -6.36 11.57
C ASP A 8 8.48 -7.28 10.46
N GLN A 9 7.28 -7.03 9.99
CA GLN A 9 6.67 -7.80 8.92
C GLN A 9 6.91 -9.30 9.09
N GLY A 10 5.92 -9.99 9.65
CA GLY A 10 6.04 -11.42 9.86
C GLY A 10 5.12 -11.92 10.96
N ASP A 11 4.87 -11.06 11.94
CA ASP A 11 4.01 -11.43 13.06
C ASP A 11 2.64 -10.77 12.92
N ASN A 12 2.59 -9.62 12.28
CA ASN A 12 1.33 -8.90 12.09
C ASN A 12 1.47 -7.80 11.05
N ASP A 13 2.18 -8.09 9.97
CA ASP A 13 2.38 -7.12 8.89
C ASP A 13 1.05 -6.71 8.27
N ASN A 14 0.04 -7.57 8.42
CA ASN A 14 -1.28 -7.30 7.87
C ASN A 14 -1.84 -5.96 8.36
N TRP A 15 -1.33 -5.48 9.49
CA TRP A 15 -1.79 -4.20 10.05
C TRP A 15 -1.80 -3.10 8.99
N TRP A 16 -0.91 -3.22 8.00
CA TRP A 16 -0.83 -2.24 6.93
C TRP A 16 -0.47 -2.91 5.60
N THR A 17 -0.72 -4.20 5.50
CA THR A 17 -0.42 -4.94 4.28
C THR A 17 -1.20 -6.26 4.22
N GLY A 18 -2.36 -6.28 4.88
CA GLY A 18 -3.18 -7.48 4.89
C GLY A 18 -4.66 -7.15 4.97
N TRP A 19 -5.17 -7.03 6.19
CA TRP A 19 -6.58 -6.73 6.40
C TRP A 19 -6.86 -5.26 6.09
N ARG A 20 -5.83 -4.43 6.18
CA ARG A 20 -5.96 -3.02 5.90
C ARG A 20 -5.79 -2.75 4.41
N GLN A 21 -5.31 -3.76 3.68
CA GLN A 21 -5.10 -3.64 2.25
C GLN A 21 -6.42 -3.49 1.51
N TRP A 22 -7.52 -3.78 2.19
CA TRP A 22 -8.85 -3.69 1.58
C TRP A 22 -9.93 -3.83 2.64
N ILE A 23 -9.82 -3.03 3.70
CA ILE A 23 -10.81 -3.07 4.78
C ILE A 23 -12.06 -2.25 4.48
N PRO A 24 -11.94 -1.13 3.73
CA PRO A 24 -13.08 -0.28 3.40
C PRO A 24 -13.74 -0.68 2.08
N ALA A 25 -13.09 -0.32 0.96
CA ALA A 25 -13.60 -0.62 -0.36
C ALA A 25 -12.86 0.18 -1.42
N GLY A 26 -11.71 -0.34 -1.84
CA GLY A 26 -10.91 0.35 -2.83
C GLY A 26 -9.71 1.04 -2.22
N ILE A 27 -9.07 0.38 -1.26
CA ILE A 27 -7.90 0.95 -0.59
C ILE A 27 -6.62 0.30 -1.13
N GLY A 28 -6.72 -0.95 -1.53
CA GLY A 28 -5.58 -1.65 -2.08
C GLY A 28 -5.72 -1.81 -3.58
N VAL A 29 -6.95 -2.04 -4.01
CA VAL A 29 -7.27 -2.18 -5.41
C VAL A 29 -7.42 -0.81 -6.07
N THR A 30 -8.02 0.11 -5.32
CA THR A 30 -8.23 1.47 -5.80
C THR A 30 -7.44 2.47 -4.96
N GLY A 31 -7.06 2.07 -3.75
CA GLY A 31 -6.32 2.94 -2.88
C GLY A 31 -4.83 2.95 -3.19
N VAL A 32 -4.27 1.76 -3.41
CA VAL A 32 -2.86 1.62 -3.73
C VAL A 32 -2.62 1.85 -5.22
N VAL A 33 -3.25 1.00 -6.02
CA VAL A 33 -3.14 1.08 -7.48
C VAL A 33 -3.23 2.53 -7.96
N ILE A 34 -3.99 3.32 -7.25
CA ILE A 34 -4.18 4.72 -7.61
C ILE A 34 -3.00 5.58 -7.17
N ALA A 35 -2.40 5.23 -6.03
CA ALA A 35 -1.26 5.97 -5.50
C ALA A 35 0.03 5.55 -6.19
N VAL A 36 0.07 4.31 -6.67
CA VAL A 36 1.24 3.78 -7.34
C VAL A 36 1.21 4.18 -8.81
N ILE A 37 0.00 4.23 -9.36
CA ILE A 37 -0.20 4.59 -10.75
C ILE A 37 -0.20 6.10 -10.90
N ALA A 38 -0.77 6.78 -9.91
CA ALA A 38 -0.86 8.23 -9.91
C ALA A 38 0.45 8.86 -10.40
N LEU A 39 1.56 8.20 -10.12
CA LEU A 39 2.86 8.70 -10.54
C LEU A 39 3.16 8.27 -11.98
N PHE A 40 3.26 6.96 -12.20
CA PHE A 40 3.53 6.42 -13.53
C PHE A 40 2.52 6.97 -14.53
N ALA A 41 1.35 7.33 -14.03
CA ALA A 41 0.29 7.88 -14.86
C ALA A 41 0.66 9.26 -15.39
N ILE A 42 1.58 9.95 -14.69
CA ILE A 42 1.99 11.27 -15.12
C ILE A 42 3.13 11.19 -16.12
N ALA A 43 4.01 10.23 -15.92
CA ALA A 43 5.13 10.03 -16.82
C ALA A 43 4.65 9.74 -18.22
N LYS A 44 3.50 9.11 -18.31
CA LYS A 44 2.90 8.77 -19.60
C LYS A 44 2.00 9.89 -20.10
N PHE A 45 1.60 10.79 -19.19
CA PHE A 45 0.74 11.91 -19.55
C PHE A 45 1.56 13.15 -19.88
N VAL A 46 2.69 13.32 -19.20
CA VAL A 46 3.55 14.46 -19.41
C VAL A 46 4.66 14.15 -20.42
N PHE A 47 4.77 12.88 -20.81
CA PHE A 47 5.79 12.47 -21.77
C PHE A 47 5.21 11.55 -22.83
N GLY A 1 13.94 -4.41 18.06
CA GLY A 1 13.27 -5.42 17.20
C GLY A 1 13.90 -5.53 15.84
N SER A 2 13.08 -5.64 14.80
CA SER A 2 13.57 -5.75 13.44
C SER A 2 13.17 -4.54 12.61
N ASP A 3 11.94 -4.08 12.79
CA ASP A 3 11.45 -2.92 12.04
C ASP A 3 10.53 -2.05 12.91
N LYS A 4 9.23 -2.21 12.73
CA LYS A 4 8.23 -1.44 13.47
C LYS A 4 8.52 -1.49 14.98
N THR A 5 8.94 -2.65 15.47
CA THR A 5 9.24 -2.80 16.89
C THR A 5 9.79 -4.19 17.21
N LEU A 6 9.45 -5.13 16.37
CA LEU A 6 9.90 -6.51 16.52
C LEU A 6 9.31 -7.40 15.43
N PRO A 7 7.98 -7.48 15.35
CA PRO A 7 7.31 -8.29 14.33
C PRO A 7 7.77 -7.88 12.93
N ASP A 8 8.30 -6.66 12.85
CA ASP A 8 8.81 -6.11 11.59
C ASP A 8 8.08 -6.66 10.37
N GLN A 9 6.76 -6.55 10.40
CA GLN A 9 5.92 -7.01 9.30
C GLN A 9 6.37 -8.38 8.78
N GLY A 10 6.25 -9.39 9.62
CA GLY A 10 6.64 -10.73 9.23
C GLY A 10 5.61 -11.79 9.62
N ASP A 11 5.32 -11.88 10.91
CA ASP A 11 4.35 -12.84 11.41
C ASP A 11 2.94 -12.25 11.37
N ASN A 12 2.86 -10.93 11.48
CA ASN A 12 1.57 -10.24 11.44
C ASN A 12 1.74 -8.81 10.94
N ASP A 13 1.65 -8.64 9.63
CA ASP A 13 1.80 -7.33 9.01
C ASP A 13 0.46 -6.84 8.46
N ASN A 14 -0.38 -7.78 8.04
CA ASN A 14 -1.69 -7.47 7.50
C ASN A 14 -2.51 -6.57 8.43
N TRP A 15 -2.25 -6.69 9.73
CA TRP A 15 -2.97 -5.89 10.74
C TRP A 15 -2.99 -4.41 10.35
N TRP A 16 -1.98 -3.97 9.60
CA TRP A 16 -1.89 -2.58 9.17
C TRP A 16 -1.15 -2.45 7.85
N THR A 17 -1.18 -3.49 7.03
CA THR A 17 -0.52 -3.47 5.74
C THR A 17 -0.93 -4.66 4.88
N GLY A 18 -2.17 -5.11 5.05
CA GLY A 18 -2.67 -6.24 4.30
C GLY A 18 -4.16 -6.16 4.04
N TRP A 19 -4.95 -6.78 4.92
CA TRP A 19 -6.40 -6.76 4.79
C TRP A 19 -6.95 -5.35 4.95
N ARG A 20 -6.15 -4.48 5.59
CA ARG A 20 -6.56 -3.10 5.80
C ARG A 20 -6.16 -2.26 4.59
N GLN A 21 -5.24 -2.78 3.80
CA GLN A 21 -4.76 -2.08 2.62
C GLN A 21 -5.82 -2.08 1.52
N TRP A 22 -6.75 -3.03 1.60
CA TRP A 22 -7.82 -3.14 0.62
C TRP A 22 -9.04 -3.84 1.22
N ILE A 23 -9.56 -3.27 2.30
CA ILE A 23 -10.73 -3.85 2.97
C ILE A 23 -11.97 -3.76 2.07
N PRO A 24 -12.23 -2.56 1.51
CA PRO A 24 -13.37 -2.32 0.64
C PRO A 24 -13.02 -2.46 -0.83
N ALA A 25 -12.36 -1.45 -1.39
CA ALA A 25 -11.97 -1.45 -2.80
C ALA A 25 -11.53 -0.06 -3.23
N GLY A 26 -10.22 0.16 -3.26
CA GLY A 26 -9.69 1.46 -3.66
C GLY A 26 -9.21 2.27 -2.47
N ILE A 27 -8.57 1.60 -1.52
CA ILE A 27 -8.06 2.27 -0.33
C ILE A 27 -6.53 2.23 -0.27
N GLY A 28 -5.96 1.09 -0.66
CA GLY A 28 -4.51 0.94 -0.66
C GLY A 28 -4.03 0.24 -1.91
N VAL A 29 -4.52 -0.97 -2.12
CA VAL A 29 -4.15 -1.74 -3.29
C VAL A 29 -4.62 -1.02 -4.55
N THR A 30 -5.83 -0.48 -4.47
CA THR A 30 -6.42 0.27 -5.57
C THR A 30 -6.58 1.74 -5.16
N GLY A 31 -6.53 2.00 -3.86
CA GLY A 31 -6.66 3.36 -3.38
C GLY A 31 -5.37 4.14 -3.45
N VAL A 32 -4.28 3.52 -3.01
CA VAL A 32 -2.96 4.16 -3.04
C VAL A 32 -2.33 4.02 -4.41
N VAL A 33 -2.12 2.77 -4.81
CA VAL A 33 -1.52 2.46 -6.11
C VAL A 33 -2.09 3.36 -7.20
N ILE A 34 -3.34 3.73 -7.06
CA ILE A 34 -4.01 4.56 -8.04
C ILE A 34 -3.64 6.04 -7.87
N ALA A 35 -3.45 6.45 -6.62
CA ALA A 35 -3.09 7.83 -6.32
C ALA A 35 -1.59 8.07 -6.52
N VAL A 36 -0.79 7.02 -6.36
CA VAL A 36 0.65 7.12 -6.53
C VAL A 36 1.01 6.97 -7.99
N ILE A 37 0.24 6.15 -8.69
CA ILE A 37 0.46 5.90 -10.10
C ILE A 37 -0.20 7.00 -10.92
N ALA A 38 -1.35 7.47 -10.46
CA ALA A 38 -2.09 8.50 -11.14
C ALA A 38 -1.17 9.61 -11.65
N LEU A 39 -0.08 9.85 -10.92
CA LEU A 39 0.87 10.87 -11.30
C LEU A 39 1.89 10.32 -12.30
N PHE A 40 2.66 9.32 -11.87
CA PHE A 40 3.65 8.71 -12.73
C PHE A 40 3.00 8.25 -14.03
N ALA A 41 1.72 7.94 -13.95
CA ALA A 41 0.97 7.50 -15.11
C ALA A 41 0.83 8.61 -16.13
N ILE A 42 0.98 9.86 -15.69
CA ILE A 42 0.86 11.01 -16.58
C ILE A 42 2.13 11.25 -17.38
N ALA A 43 3.26 11.00 -16.75
CA ALA A 43 4.54 11.19 -17.39
C ALA A 43 4.73 10.20 -18.53
N LYS A 44 4.09 9.05 -18.38
CA LYS A 44 4.16 7.99 -19.38
C LYS A 44 3.03 8.14 -20.40
N PHE A 45 2.01 8.92 -20.04
CA PHE A 45 0.87 9.13 -20.95
C PHE A 45 0.99 10.45 -21.69
N VAL A 46 1.58 11.44 -21.05
CA VAL A 46 1.73 12.75 -21.67
C VAL A 46 3.06 12.86 -22.41
N PHE A 47 3.82 11.77 -22.43
CA PHE A 47 5.11 11.76 -23.11
C PHE A 47 5.30 10.46 -23.88
N GLY A 1 9.63 -4.95 22.33
CA GLY A 1 9.34 -4.99 20.87
C GLY A 1 10.57 -5.35 20.05
N SER A 2 10.42 -6.32 19.16
CA SER A 2 11.52 -6.76 18.31
C SER A 2 11.89 -5.69 17.30
N ASP A 3 10.87 -5.06 16.69
CA ASP A 3 11.10 -4.02 15.71
C ASP A 3 10.11 -2.87 15.87
N LYS A 4 9.10 -2.82 15.01
CA LYS A 4 8.08 -1.78 15.05
C LYS A 4 7.52 -1.60 16.45
N THR A 5 7.22 -2.72 17.11
CA THR A 5 6.67 -2.68 18.46
C THR A 5 6.69 -4.05 19.13
N LEU A 6 6.64 -5.07 18.29
CA LEU A 6 6.66 -6.45 18.75
C LEU A 6 6.50 -7.42 17.58
N PRO A 7 5.44 -7.25 16.78
CA PRO A 7 5.23 -8.12 15.63
C PRO A 7 6.45 -8.12 14.72
N ASP A 8 7.21 -7.03 14.81
CA ASP A 8 8.44 -6.84 14.04
C ASP A 8 8.41 -7.56 12.70
N GLN A 9 7.26 -7.49 12.05
CA GLN A 9 7.06 -8.11 10.75
C GLN A 9 7.66 -9.51 10.69
N GLY A 10 7.09 -10.43 11.45
CA GLY A 10 7.59 -11.79 11.47
C GLY A 10 6.48 -12.82 11.57
N ASP A 11 5.68 -12.73 12.63
CA ASP A 11 4.59 -13.67 12.84
C ASP A 11 3.40 -13.34 11.94
N ASN A 12 3.00 -12.07 11.93
CA ASN A 12 1.90 -11.63 11.09
C ASN A 12 1.94 -10.11 10.87
N ASP A 13 2.62 -9.72 9.80
CA ASP A 13 2.74 -8.29 9.46
C ASP A 13 1.56 -7.83 8.62
N ASN A 14 0.94 -8.76 7.90
CA ASN A 14 -0.20 -8.46 7.05
C ASN A 14 -1.32 -7.77 7.84
N TRP A 15 -1.32 -7.96 9.16
CA TRP A 15 -2.33 -7.35 10.02
C TRP A 15 -2.51 -5.86 9.71
N TRP A 16 -1.44 -5.24 9.23
CA TRP A 16 -1.48 -3.82 8.90
C TRP A 16 -0.58 -3.51 7.71
N THR A 17 -0.24 -4.54 6.93
CA THR A 17 0.62 -4.36 5.76
C THR A 17 0.39 -5.48 4.75
N GLY A 18 -0.80 -6.07 4.77
CA GLY A 18 -1.13 -7.15 3.85
C GLY A 18 -2.57 -7.06 3.37
N TRP A 19 -3.47 -7.70 4.10
CA TRP A 19 -4.88 -7.68 3.76
C TRP A 19 -5.48 -6.29 4.01
N ARG A 20 -4.81 -5.52 4.87
CA ARG A 20 -5.24 -4.18 5.21
C ARG A 20 -4.70 -3.18 4.19
N GLN A 21 -3.76 -3.62 3.37
CA GLN A 21 -3.15 -2.77 2.35
C GLN A 21 -4.17 -2.37 1.29
N TRP A 22 -5.32 -3.02 1.30
CA TRP A 22 -6.37 -2.73 0.33
C TRP A 22 -7.71 -3.31 0.79
N ILE A 23 -8.06 -3.06 2.05
CA ILE A 23 -9.31 -3.57 2.60
C ILE A 23 -10.45 -2.55 2.57
N PRO A 24 -10.16 -1.23 2.69
CA PRO A 24 -11.20 -0.20 2.66
C PRO A 24 -11.52 0.28 1.25
N ALA A 25 -10.73 -0.15 0.29
CA ALA A 25 -10.92 0.25 -1.10
C ALA A 25 -10.40 1.67 -1.33
N GLY A 26 -9.14 1.77 -1.72
CA GLY A 26 -8.54 3.07 -1.96
C GLY A 26 -7.60 3.47 -0.84
N ILE A 27 -6.80 2.52 -0.38
CA ILE A 27 -5.84 2.78 0.70
C ILE A 27 -4.40 2.62 0.21
N GLY A 28 -4.17 1.61 -0.63
CA GLY A 28 -2.85 1.36 -1.17
C GLY A 28 -2.90 0.92 -2.61
N VAL A 29 -3.60 -0.18 -2.86
CA VAL A 29 -3.76 -0.69 -4.21
C VAL A 29 -4.52 0.31 -5.05
N THR A 30 -5.48 0.97 -4.41
CA THR A 30 -6.28 1.99 -5.07
C THR A 30 -6.08 3.34 -4.37
N GLY A 31 -5.56 3.29 -3.15
CA GLY A 31 -5.33 4.50 -2.39
C GLY A 31 -4.03 5.19 -2.78
N VAL A 32 -2.92 4.47 -2.67
CA VAL A 32 -1.61 5.01 -3.00
C VAL A 32 -1.36 4.93 -4.50
N VAL A 33 -1.36 3.72 -5.02
CA VAL A 33 -1.13 3.46 -6.44
C VAL A 33 -1.88 4.46 -7.32
N ILE A 34 -3.03 4.90 -6.84
CA ILE A 34 -3.84 5.86 -7.59
C ILE A 34 -3.21 7.25 -7.56
N ALA A 35 -2.57 7.57 -6.45
CA ALA A 35 -1.90 8.86 -6.30
C ALA A 35 -0.53 8.83 -6.96
N VAL A 36 0.04 7.63 -7.08
CA VAL A 36 1.34 7.46 -7.72
C VAL A 36 1.18 7.37 -9.22
N ILE A 37 0.21 6.59 -9.64
CA ILE A 37 -0.09 6.40 -11.05
C ILE A 37 -0.58 7.70 -11.66
N ALA A 38 -1.31 8.47 -10.87
CA ALA A 38 -1.86 9.75 -11.33
C ALA A 38 -0.83 10.51 -12.14
N LEU A 39 0.44 10.38 -11.77
CA LEU A 39 1.52 11.04 -12.47
C LEU A 39 1.97 10.23 -13.68
N PHE A 40 2.49 9.03 -13.41
CA PHE A 40 2.95 8.14 -14.47
C PHE A 40 1.86 7.95 -15.53
N ALA A 41 0.62 8.12 -15.12
CA ALA A 41 -0.51 7.98 -16.02
C ALA A 41 -0.58 9.13 -17.02
N ILE A 42 0.00 10.27 -16.65
CA ILE A 42 -0.01 11.44 -17.53
C ILE A 42 1.13 11.36 -18.53
N ALA A 43 2.25 10.83 -18.09
CA ALA A 43 3.41 10.67 -18.94
C ALA A 43 3.09 9.75 -20.11
N LYS A 44 2.27 8.75 -19.84
CA LYS A 44 1.88 7.80 -20.86
C LYS A 44 0.60 8.27 -21.58
N PHE A 45 -0.11 9.21 -20.95
CA PHE A 45 -1.34 9.73 -21.53
C PHE A 45 -1.07 10.96 -22.39
N VAL A 46 -0.08 11.75 -21.99
CA VAL A 46 0.27 12.95 -22.73
C VAL A 46 1.43 12.70 -23.71
N PHE A 47 2.05 11.52 -23.57
CA PHE A 47 3.16 11.16 -24.45
C PHE A 47 3.00 9.73 -24.97
N GLY A 1 13.33 0.50 13.91
CA GLY A 1 12.40 -0.28 13.05
C GLY A 1 13.11 -1.30 12.19
N SER A 2 12.58 -2.52 12.16
CA SER A 2 13.17 -3.60 11.38
C SER A 2 12.79 -3.47 9.91
N ASP A 3 11.54 -3.12 9.65
CA ASP A 3 11.06 -2.96 8.27
C ASP A 3 10.13 -1.76 8.15
N LYS A 4 8.84 -2.00 8.27
CA LYS A 4 7.83 -0.95 8.16
C LYS A 4 8.04 0.12 9.23
N THR A 5 8.40 -0.32 10.43
CA THR A 5 8.64 0.62 11.54
C THR A 5 9.15 -0.10 12.78
N LEU A 6 8.84 -1.36 12.87
CA LEU A 6 9.27 -2.21 13.98
C LEU A 6 8.67 -3.60 13.88
N PRO A 7 7.33 -3.70 13.75
CA PRO A 7 6.67 -4.99 13.62
C PRO A 7 7.26 -5.78 12.46
N ASP A 8 7.84 -5.04 11.52
CA ASP A 8 8.49 -5.61 10.34
C ASP A 8 7.93 -6.99 9.97
N GLN A 9 6.63 -7.03 9.79
CA GLN A 9 5.92 -8.27 9.44
C GLN A 9 6.44 -9.46 10.23
N GLY A 10 6.01 -9.56 11.48
CA GLY A 10 6.43 -10.65 12.34
C GLY A 10 5.27 -11.31 13.06
N ASP A 11 4.40 -10.49 13.63
CA ASP A 11 3.23 -11.00 14.35
C ASP A 11 1.94 -10.63 13.62
N ASN A 12 1.65 -11.38 12.56
CA ASN A 12 0.44 -11.13 11.77
C ASN A 12 0.47 -9.75 11.13
N ASP A 13 1.08 -9.66 9.96
CA ASP A 13 1.18 -8.39 9.24
C ASP A 13 -0.11 -8.07 8.49
N ASN A 14 -0.92 -9.10 8.25
CA ASN A 14 -2.18 -8.94 7.54
C ASN A 14 -3.06 -7.86 8.19
N TRP A 15 -2.83 -7.61 9.49
CA TRP A 15 -3.60 -6.61 10.22
C TRP A 15 -3.63 -5.28 9.47
N TRP A 16 -2.59 -5.02 8.69
CA TRP A 16 -2.49 -3.78 7.92
C TRP A 16 -1.83 -4.01 6.57
N THR A 17 -1.80 -5.27 6.13
CA THR A 17 -1.18 -5.61 4.85
C THR A 17 -1.75 -6.93 4.30
N GLY A 18 -2.97 -7.26 4.71
CA GLY A 18 -3.60 -8.48 4.25
C GLY A 18 -5.08 -8.31 3.99
N TRP A 19 -5.90 -8.60 4.99
CA TRP A 19 -7.35 -8.46 4.88
C TRP A 19 -7.76 -6.99 4.97
N ARG A 20 -7.00 -6.22 5.75
CA ARG A 20 -7.27 -4.80 5.92
C ARG A 20 -6.60 -3.99 4.81
N GLN A 21 -5.71 -4.64 4.07
CA GLN A 21 -4.98 -4.00 2.99
C GLN A 21 -5.93 -3.55 1.87
N TRP A 22 -7.16 -4.04 1.89
CA TRP A 22 -8.14 -3.69 0.87
C TRP A 22 -9.55 -4.05 1.32
N ILE A 23 -9.89 -3.74 2.56
CA ILE A 23 -11.21 -4.04 3.10
C ILE A 23 -12.22 -2.92 2.86
N PRO A 24 -11.78 -1.64 2.84
CA PRO A 24 -12.67 -0.51 2.62
C PRO A 24 -12.78 -0.10 1.16
N ALA A 25 -11.99 -0.76 0.31
CA ALA A 25 -11.99 -0.45 -1.12
C ALA A 25 -11.26 0.87 -1.39
N GLY A 26 -9.96 0.77 -1.61
CA GLY A 26 -9.16 1.96 -1.86
C GLY A 26 -8.33 2.36 -0.66
N ILE A 27 -7.65 1.40 -0.06
CA ILE A 27 -6.81 1.65 1.11
C ILE A 27 -5.33 1.41 0.81
N GLY A 28 -5.05 0.36 0.05
CA GLY A 28 -3.67 0.04 -0.30
C GLY A 28 -3.56 -0.43 -1.73
N VAL A 29 -4.24 -1.54 -2.03
CA VAL A 29 -4.23 -2.09 -3.39
C VAL A 29 -4.84 -1.06 -4.34
N THR A 30 -5.84 -0.35 -3.86
CA THR A 30 -6.51 0.67 -4.63
C THR A 30 -6.36 2.03 -3.95
N GLY A 31 -6.03 2.01 -2.65
CA GLY A 31 -5.85 3.24 -1.91
C GLY A 31 -4.48 3.87 -2.12
N VAL A 32 -3.44 3.07 -1.88
CA VAL A 32 -2.06 3.54 -2.04
C VAL A 32 -1.63 3.49 -3.50
N VAL A 33 -1.64 2.27 -4.04
CA VAL A 33 -1.25 2.03 -5.42
C VAL A 33 -1.80 3.11 -6.36
N ILE A 34 -2.97 3.63 -6.01
CA ILE A 34 -3.62 4.65 -6.82
C ILE A 34 -3.00 6.04 -6.59
N ALA A 35 -2.62 6.30 -5.34
CA ALA A 35 -2.02 7.58 -4.99
C ALA A 35 -0.53 7.62 -5.34
N VAL A 36 0.11 6.46 -5.35
CA VAL A 36 1.52 6.38 -5.68
C VAL A 36 1.72 6.32 -7.19
N ILE A 37 0.78 5.66 -7.86
CA ILE A 37 0.82 5.53 -9.31
C ILE A 37 0.32 6.80 -9.97
N ALA A 38 -0.70 7.39 -9.37
CA ALA A 38 -1.30 8.62 -9.89
C ALA A 38 -0.24 9.58 -10.39
N LEU A 39 0.92 9.57 -9.75
CA LEU A 39 2.03 10.43 -10.13
C LEU A 39 2.85 9.80 -11.25
N PHE A 40 3.45 8.66 -10.96
CA PHE A 40 4.27 7.95 -11.95
C PHE A 40 3.47 7.69 -13.22
N ALA A 41 2.15 7.66 -13.08
CA ALA A 41 1.26 7.45 -14.20
C ALA A 41 1.19 8.68 -15.10
N ILE A 42 1.54 9.84 -14.54
CA ILE A 42 1.52 11.08 -15.32
C ILE A 42 2.74 11.17 -16.20
N ALA A 43 3.90 11.06 -15.58
CA ALA A 43 5.16 11.13 -16.28
C ALA A 43 5.14 10.25 -17.52
N LYS A 44 4.97 8.96 -17.31
CA LYS A 44 4.92 8.01 -18.41
C LYS A 44 3.85 8.40 -19.43
N PHE A 45 2.88 9.19 -19.00
CA PHE A 45 1.81 9.63 -19.88
C PHE A 45 2.32 10.62 -20.92
N VAL A 46 3.02 11.65 -20.46
CA VAL A 46 3.57 12.67 -21.35
C VAL A 46 4.99 12.32 -21.77
N PHE A 47 5.80 11.87 -20.81
CA PHE A 47 7.18 11.50 -21.07
C PHE A 47 7.56 10.25 -20.29
N GLY A 1 11.07 -2.33 18.81
CA GLY A 1 11.04 -3.63 18.08
C GLY A 1 12.16 -3.76 17.08
N SER A 2 11.81 -4.22 15.87
CA SER A 2 12.80 -4.40 14.82
C SER A 2 12.69 -3.30 13.77
N ASP A 3 11.45 -2.93 13.43
CA ASP A 3 11.22 -1.88 12.44
C ASP A 3 10.07 -0.97 12.86
N LYS A 4 8.89 -1.21 12.31
CA LYS A 4 7.71 -0.41 12.61
C LYS A 4 7.46 -0.33 14.12
N THR A 5 7.63 -1.46 14.80
CA THR A 5 7.44 -1.51 16.26
C THR A 5 7.79 -2.86 16.84
N LEU A 6 7.81 -3.86 16.00
CA LEU A 6 8.15 -5.22 16.39
C LEU A 6 7.92 -6.20 15.25
N PRO A 7 6.72 -6.21 14.66
CA PRO A 7 6.41 -7.09 13.54
C PRO A 7 7.41 -6.88 12.40
N ASP A 8 8.01 -5.68 12.41
CA ASP A 8 8.99 -5.28 11.41
C ASP A 8 8.85 -6.03 10.09
N GLN A 9 7.61 -6.07 9.61
CA GLN A 9 7.28 -6.74 8.36
C GLN A 9 8.13 -8.01 8.13
N GLY A 10 7.61 -9.14 8.60
CA GLY A 10 8.33 -10.39 8.44
C GLY A 10 7.47 -11.60 8.77
N ASP A 11 6.87 -11.58 9.96
CA ASP A 11 6.01 -12.68 10.39
C ASP A 11 4.62 -12.55 9.80
N ASN A 12 4.13 -11.31 9.69
CA ASN A 12 2.81 -11.04 9.14
C ASN A 12 2.51 -9.55 9.12
N ASP A 13 2.79 -8.90 8.00
CA ASP A 13 2.55 -7.47 7.86
C ASP A 13 1.15 -7.19 7.32
N ASN A 14 0.31 -8.23 7.25
CA ASN A 14 -1.05 -8.08 6.75
C ASN A 14 -1.84 -7.08 7.58
N TRP A 15 -1.39 -6.81 8.80
CA TRP A 15 -2.08 -5.87 9.68
C TRP A 15 -2.38 -4.56 8.95
N TRP A 16 -1.47 -4.16 8.07
CA TRP A 16 -1.62 -2.92 7.32
C TRP A 16 -1.32 -3.13 5.83
N THR A 17 -1.15 -4.39 5.42
CA THR A 17 -0.86 -4.70 4.03
C THR A 17 -1.52 -6.01 3.61
N GLY A 18 -2.58 -6.39 4.32
CA GLY A 18 -3.28 -7.62 4.01
C GLY A 18 -4.77 -7.42 3.94
N TRP A 19 -5.48 -7.79 5.00
CA TRP A 19 -6.93 -7.64 5.05
C TRP A 19 -7.32 -6.18 5.23
N ARG A 20 -6.42 -5.40 5.84
CA ARG A 20 -6.65 -3.98 6.07
C ARG A 20 -6.21 -3.18 4.85
N GLN A 21 -5.48 -3.83 3.95
CA GLN A 21 -4.99 -3.18 2.75
C GLN A 21 -6.12 -2.90 1.77
N TRP A 22 -7.30 -3.46 2.04
CA TRP A 22 -8.44 -3.27 1.16
C TRP A 22 -9.74 -3.68 1.84
N ILE A 23 -9.93 -3.22 3.08
CA ILE A 23 -11.13 -3.55 3.83
C ILE A 23 -12.25 -2.50 3.66
N PRO A 24 -11.91 -1.20 3.46
CA PRO A 24 -12.91 -0.15 3.30
C PRO A 24 -13.28 0.09 1.84
N ALA A 25 -12.57 -0.55 0.93
CA ALA A 25 -12.82 -0.38 -0.49
C ALA A 25 -12.28 0.96 -0.97
N GLY A 26 -11.04 0.95 -1.45
CA GLY A 26 -10.41 2.17 -1.93
C GLY A 26 -9.39 2.70 -0.95
N ILE A 27 -8.59 1.80 -0.39
CA ILE A 27 -7.55 2.17 0.58
C ILE A 27 -6.16 1.88 0.02
N GLY A 28 -6.01 0.75 -0.67
CA GLY A 28 -4.73 0.39 -1.22
C GLY A 28 -4.83 0.03 -2.70
N VAL A 29 -5.67 -0.94 -3.01
CA VAL A 29 -5.86 -1.36 -4.39
C VAL A 29 -6.45 -0.22 -5.21
N THR A 30 -7.38 0.50 -4.59
CA THR A 30 -8.02 1.64 -5.23
C THR A 30 -7.76 2.91 -4.43
N GLY A 31 -7.35 2.76 -3.17
CA GLY A 31 -7.05 3.90 -2.33
C GLY A 31 -5.66 4.45 -2.56
N VAL A 32 -4.66 3.60 -2.35
CA VAL A 32 -3.26 3.99 -2.53
C VAL A 32 -2.86 3.90 -4.00
N VAL A 33 -2.94 2.71 -4.55
CA VAL A 33 -2.58 2.44 -5.94
C VAL A 33 -3.11 3.53 -6.86
N ILE A 34 -4.25 4.11 -6.50
CA ILE A 34 -4.85 5.15 -7.30
C ILE A 34 -4.14 6.49 -7.11
N ALA A 35 -3.73 6.76 -5.88
CA ALA A 35 -3.03 8.00 -5.56
C ALA A 35 -1.55 7.91 -5.91
N VAL A 36 -1.02 6.69 -5.95
CA VAL A 36 0.39 6.47 -6.28
C VAL A 36 0.58 6.44 -7.78
N ILE A 37 -0.31 5.72 -8.45
CA ILE A 37 -0.28 5.59 -9.90
C ILE A 37 -0.57 6.93 -10.56
N ALA A 38 -1.47 7.69 -9.95
CA ALA A 38 -1.85 9.00 -10.46
C ALA A 38 -0.63 9.76 -10.98
N LEU A 39 0.50 9.57 -10.30
CA LEU A 39 1.74 10.21 -10.68
C LEU A 39 2.47 9.40 -11.75
N PHE A 40 2.86 8.18 -11.39
CA PHE A 40 3.56 7.29 -12.31
C PHE A 40 2.79 7.16 -13.62
N ALA A 41 1.49 7.35 -13.54
CA ALA A 41 0.62 7.26 -14.70
C ALA A 41 0.85 8.44 -15.65
N ILE A 42 1.39 9.54 -15.12
CA ILE A 42 1.65 10.72 -15.94
C ILE A 42 3.01 10.62 -16.62
N ALA A 43 3.96 10.08 -15.89
CA ALA A 43 5.31 9.92 -16.41
C ALA A 43 5.31 9.05 -17.66
N LYS A 44 4.37 8.13 -17.71
CA LYS A 44 4.22 7.23 -18.84
C LYS A 44 3.30 7.82 -19.89
N PHE A 45 2.49 8.81 -19.50
CA PHE A 45 1.57 9.46 -20.41
C PHE A 45 2.19 10.69 -21.06
N VAL A 46 3.04 11.38 -20.31
CA VAL A 46 3.70 12.58 -20.82
C VAL A 46 5.07 12.26 -21.39
N PHE A 47 5.55 11.04 -21.15
CA PHE A 47 6.86 10.62 -21.67
C PHE A 47 6.77 9.25 -22.31
N GLY A 1 12.24 -1.61 17.16
CA GLY A 1 12.16 -3.04 17.58
C GLY A 1 13.00 -3.95 16.69
N SER A 2 12.33 -4.89 16.03
CA SER A 2 13.01 -5.83 15.15
C SER A 2 12.99 -5.35 13.71
N ASP A 3 11.84 -4.85 13.27
CA ASP A 3 11.69 -4.34 11.91
C ASP A 3 10.86 -3.07 11.87
N LYS A 4 9.56 -3.22 11.65
CA LYS A 4 8.65 -2.09 11.58
C LYS A 4 8.69 -1.27 12.87
N THR A 5 8.75 -1.97 14.01
CA THR A 5 8.81 -1.29 15.30
C THR A 5 8.96 -2.28 16.45
N LEU A 6 8.58 -3.51 16.20
CA LEU A 6 8.67 -4.57 17.18
C LEU A 6 8.10 -5.88 16.65
N PRO A 7 6.82 -5.89 16.25
CA PRO A 7 6.20 -7.09 15.70
C PRO A 7 6.97 -7.61 14.50
N ASP A 8 7.78 -6.72 13.91
CA ASP A 8 8.63 -7.04 12.77
C ASP A 8 8.06 -8.19 11.93
N GLN A 9 6.79 -8.05 11.58
CA GLN A 9 6.09 -9.05 10.77
C GLN A 9 6.40 -10.47 11.24
N GLY A 10 5.50 -11.05 12.03
CA GLY A 10 5.69 -12.40 12.53
C GLY A 10 4.46 -12.94 13.23
N ASP A 11 3.94 -12.18 14.18
CA ASP A 11 2.77 -12.60 14.93
C ASP A 11 1.48 -12.10 14.26
N ASN A 12 1.54 -10.90 13.71
CA ASN A 12 0.38 -10.32 13.04
C ASN A 12 0.77 -9.05 12.29
N ASP A 13 1.08 -9.20 11.00
CA ASP A 13 1.46 -8.06 10.17
C ASP A 13 0.28 -7.58 9.34
N ASN A 14 -0.55 -8.52 8.91
CA ASN A 14 -1.72 -8.20 8.10
C ASN A 14 -2.57 -7.09 8.72
N TRP A 15 -2.47 -6.94 10.04
CA TRP A 15 -3.23 -5.91 10.75
C TRP A 15 -3.10 -4.55 10.06
N TRP A 16 -1.99 -4.34 9.37
CA TRP A 16 -1.74 -3.09 8.66
C TRP A 16 -0.86 -3.32 7.44
N THR A 17 -0.87 -4.54 6.91
CA THR A 17 -0.06 -4.87 5.74
C THR A 17 -0.56 -6.15 5.07
N GLY A 18 -1.85 -6.43 5.21
CA GLY A 18 -2.42 -7.62 4.61
C GLY A 18 -3.88 -7.44 4.26
N TRP A 19 -4.76 -7.74 5.21
CA TRP A 19 -6.19 -7.61 5.00
C TRP A 19 -6.61 -6.14 4.99
N ARG A 20 -5.78 -5.29 5.59
CA ARG A 20 -6.05 -3.87 5.65
C ARG A 20 -5.52 -3.17 4.40
N GLN A 21 -4.72 -3.89 3.62
CA GLN A 21 -4.14 -3.34 2.41
C GLN A 21 -5.21 -3.10 1.33
N TRP A 22 -6.44 -3.55 1.58
CA TRP A 22 -7.51 -3.38 0.62
C TRP A 22 -8.86 -3.68 1.26
N ILE A 23 -9.06 -3.24 2.49
CA ILE A 23 -10.31 -3.47 3.20
C ILE A 23 -11.35 -2.37 2.96
N PRO A 24 -10.92 -1.10 2.75
CA PRO A 24 -11.82 0.01 2.51
C PRO A 24 -12.11 0.24 1.04
N ALA A 25 -11.41 -0.49 0.17
CA ALA A 25 -11.57 -0.34 -1.27
C ALA A 25 -10.91 0.94 -1.76
N GLY A 26 -9.65 0.82 -2.15
CA GLY A 26 -8.90 1.98 -2.63
C GLY A 26 -7.92 2.48 -1.59
N ILE A 27 -7.19 1.57 -0.98
CA ILE A 27 -6.19 1.91 0.04
C ILE A 27 -4.77 1.59 -0.43
N GLY A 28 -4.61 0.45 -1.10
CA GLY A 28 -3.30 0.06 -1.57
C GLY A 28 -3.34 -0.44 -3.00
N VAL A 29 -4.08 -1.52 -3.21
CA VAL A 29 -4.22 -2.09 -4.54
C VAL A 29 -4.85 -1.07 -5.48
N THR A 30 -5.80 -0.31 -4.94
CA THR A 30 -6.48 0.74 -5.68
C THR A 30 -6.23 2.10 -5.04
N GLY A 31 -5.82 2.09 -3.78
CA GLY A 31 -5.54 3.33 -3.08
C GLY A 31 -4.16 3.87 -3.38
N VAL A 32 -3.15 3.01 -3.29
CA VAL A 32 -1.77 3.40 -3.56
C VAL A 32 -1.49 3.38 -5.05
N VAL A 33 -1.66 2.21 -5.65
CA VAL A 33 -1.45 2.01 -7.07
C VAL A 33 -2.04 3.17 -7.89
N ILE A 34 -3.10 3.75 -7.38
CA ILE A 34 -3.77 4.86 -8.05
C ILE A 34 -3.05 6.18 -7.79
N ALA A 35 -2.50 6.33 -6.58
CA ALA A 35 -1.79 7.55 -6.21
C ALA A 35 -0.36 7.53 -6.74
N VAL A 36 0.20 6.34 -6.91
CA VAL A 36 1.56 6.20 -7.41
C VAL A 36 1.57 6.25 -8.93
N ILE A 37 0.52 5.70 -9.52
CA ILE A 37 0.36 5.68 -10.96
C ILE A 37 -0.15 7.03 -11.45
N ALA A 38 -1.02 7.64 -10.65
CA ALA A 38 -1.60 8.93 -10.97
C ALA A 38 -0.55 9.88 -11.55
N LEU A 39 0.68 9.74 -11.09
CA LEU A 39 1.77 10.57 -11.58
C LEU A 39 2.36 9.99 -12.87
N PHE A 40 2.92 8.79 -12.77
CA PHE A 40 3.51 8.13 -13.92
C PHE A 40 2.51 8.05 -15.06
N ALA A 41 1.23 8.09 -14.71
CA ALA A 41 0.16 8.03 -15.70
C ALA A 41 0.09 9.32 -16.50
N ILE A 42 0.59 10.42 -15.94
CA ILE A 42 0.58 11.70 -16.63
C ILE A 42 1.77 11.83 -17.55
N ALA A 43 2.92 11.38 -17.07
CA ALA A 43 4.16 11.43 -17.83
C ALA A 43 4.00 10.71 -19.16
N LYS A 44 3.16 9.68 -19.15
CA LYS A 44 2.91 8.89 -20.36
C LYS A 44 1.74 9.47 -21.14
N PHE A 45 0.92 10.29 -20.47
CA PHE A 45 -0.24 10.90 -21.11
C PHE A 45 0.11 12.26 -21.71
N VAL A 46 1.03 12.97 -21.06
CA VAL A 46 1.44 14.29 -21.53
C VAL A 46 2.72 14.21 -22.36
N PHE A 47 3.37 13.05 -22.33
CA PHE A 47 4.61 12.87 -23.10
C PHE A 47 4.58 11.55 -23.86
N GLY A 1 14.93 -3.78 16.90
CA GLY A 1 13.87 -4.23 15.95
C GLY A 1 14.45 -4.97 14.76
N SER A 2 13.64 -5.14 13.72
CA SER A 2 14.08 -5.84 12.51
C SER A 2 13.82 -5.00 11.27
N ASP A 3 12.59 -4.52 11.11
CA ASP A 3 12.23 -3.70 9.96
C ASP A 3 11.48 -2.45 10.38
N LYS A 4 10.15 -2.50 10.33
CA LYS A 4 9.30 -1.38 10.70
C LYS A 4 9.61 -0.88 12.11
N THR A 5 9.88 -1.82 13.01
CA THR A 5 10.18 -1.46 14.40
C THR A 5 10.63 -2.65 15.23
N LEU A 6 10.16 -3.81 14.82
CA LEU A 6 10.50 -5.06 15.49
C LEU A 6 9.79 -6.24 14.85
N PRO A 7 8.46 -6.23 14.80
CA PRO A 7 7.69 -7.31 14.19
C PRO A 7 8.10 -7.50 12.74
N ASP A 8 8.71 -6.45 12.18
CA ASP A 8 9.20 -6.46 10.80
C ASP A 8 8.32 -7.30 9.88
N GLN A 9 7.03 -7.25 10.12
CA GLN A 9 6.05 -7.99 9.33
C GLN A 9 6.41 -9.47 9.26
N GLY A 10 5.94 -10.24 10.24
CA GLY A 10 6.23 -11.66 10.27
C GLY A 10 5.14 -12.44 10.98
N ASP A 11 4.73 -11.96 12.14
CA ASP A 11 3.70 -12.63 12.93
C ASP A 11 2.34 -11.97 12.71
N ASN A 12 2.35 -10.67 12.45
CA ASN A 12 1.12 -9.92 12.21
C ASN A 12 1.40 -8.63 11.46
N ASP A 13 1.49 -8.72 10.14
CA ASP A 13 1.76 -7.56 9.30
C ASP A 13 0.46 -6.96 8.76
N ASN A 14 -0.57 -7.80 8.64
CA ASN A 14 -1.86 -7.36 8.14
C ASN A 14 -2.53 -6.36 9.09
N TRP A 15 -2.11 -6.35 10.34
CA TRP A 15 -2.69 -5.44 11.34
C TRP A 15 -2.76 -4.01 10.81
N TRP A 16 -1.85 -3.67 9.90
CA TRP A 16 -1.81 -2.33 9.33
C TRP A 16 -1.32 -2.34 7.88
N THR A 17 -1.54 -3.46 7.18
CA THR A 17 -1.12 -3.56 5.79
C THR A 17 -1.58 -4.89 5.18
N GLY A 18 -2.73 -5.37 5.62
CA GLY A 18 -3.25 -6.61 5.09
C GLY A 18 -4.75 -6.55 4.83
N TRP A 19 -5.54 -6.88 5.84
CA TRP A 19 -7.00 -6.87 5.72
C TRP A 19 -7.52 -5.43 5.59
N ARG A 20 -6.81 -4.50 6.20
CA ARG A 20 -7.20 -3.09 6.15
C ARG A 20 -6.63 -2.43 4.90
N GLN A 21 -5.66 -3.08 4.28
CA GLN A 21 -5.03 -2.56 3.09
C GLN A 21 -6.01 -2.52 1.93
N TRP A 22 -7.04 -3.36 1.99
CA TRP A 22 -8.05 -3.42 0.94
C TRP A 22 -9.33 -4.08 1.44
N ILE A 23 -9.90 -3.52 2.50
CA ILE A 23 -11.13 -4.06 3.07
C ILE A 23 -12.38 -3.59 2.32
N PRO A 24 -12.37 -2.35 1.77
CA PRO A 24 -13.50 -1.80 1.05
C PRO A 24 -13.38 -1.98 -0.46
N ALA A 25 -12.24 -2.50 -0.91
CA ALA A 25 -12.00 -2.70 -2.33
C ALA A 25 -11.69 -1.38 -3.02
N GLY A 26 -10.41 -1.03 -3.05
CA GLY A 26 -9.99 0.21 -3.67
C GLY A 26 -9.64 1.28 -2.64
N ILE A 27 -8.83 0.89 -1.67
CA ILE A 27 -8.41 1.81 -0.61
C ILE A 27 -6.91 2.09 -0.66
N GLY A 28 -6.12 1.05 -0.93
CA GLY A 28 -4.68 1.20 -1.00
C GLY A 28 -4.10 0.56 -2.24
N VAL A 29 -4.31 -0.75 -2.38
CA VAL A 29 -3.83 -1.48 -3.54
C VAL A 29 -4.45 -0.93 -4.81
N THR A 30 -5.74 -0.59 -4.70
CA THR A 30 -6.47 -0.03 -5.82
C THR A 30 -6.99 1.37 -5.47
N GLY A 31 -7.04 1.67 -4.17
CA GLY A 31 -7.50 2.97 -3.73
C GLY A 31 -6.42 4.04 -3.81
N VAL A 32 -5.30 3.77 -3.15
CA VAL A 32 -4.18 4.70 -3.12
C VAL A 32 -3.32 4.56 -4.38
N VAL A 33 -2.77 3.36 -4.57
CA VAL A 33 -1.93 3.06 -5.72
C VAL A 33 -2.50 3.65 -7.00
N ILE A 34 -3.82 3.70 -7.07
CA ILE A 34 -4.50 4.23 -8.24
C ILE A 34 -4.42 5.76 -8.28
N ALA A 35 -4.52 6.38 -7.12
CA ALA A 35 -4.46 7.83 -7.01
C ALA A 35 -3.02 8.31 -7.02
N VAL A 36 -2.09 7.44 -6.62
CA VAL A 36 -0.67 7.79 -6.60
C VAL A 36 -0.05 7.59 -7.97
N ILE A 37 -0.43 6.48 -8.60
CA ILE A 37 0.07 6.15 -9.92
C ILE A 37 -0.53 7.08 -10.96
N ALA A 38 -1.79 7.45 -10.75
CA ALA A 38 -2.50 8.34 -11.67
C ALA A 38 -1.59 9.46 -12.15
N LEU A 39 -0.70 9.91 -11.27
CA LEU A 39 0.24 10.96 -11.62
C LEU A 39 1.48 10.39 -12.31
N PHE A 40 2.21 9.55 -11.59
CA PHE A 40 3.42 8.93 -12.13
C PHE A 40 3.12 8.24 -13.45
N ALA A 41 1.87 7.86 -13.63
CA ALA A 41 1.44 7.20 -14.85
C ALA A 41 1.40 8.17 -16.02
N ILE A 42 1.23 9.46 -15.73
CA ILE A 42 1.19 10.48 -16.76
C ILE A 42 2.58 10.94 -17.14
N ALA A 43 3.43 11.04 -16.14
CA ALA A 43 4.81 11.45 -16.33
C ALA A 43 5.51 10.53 -17.31
N LYS A 44 5.11 9.27 -17.29
CA LYS A 44 5.69 8.27 -18.18
C LYS A 44 4.91 8.20 -19.49
N PHE A 45 3.68 8.73 -19.49
CA PHE A 45 2.85 8.73 -20.67
C PHE A 45 3.08 9.97 -21.52
N VAL A 46 3.35 11.09 -20.85
CA VAL A 46 3.59 12.36 -21.54
C VAL A 46 5.08 12.61 -21.72
N PHE A 47 5.91 11.89 -20.96
CA PHE A 47 7.35 12.04 -21.05
C PHE A 47 8.04 10.70 -21.21
N GLY A 1 12.74 -3.49 19.27
CA GLY A 1 11.89 -4.26 18.32
C GLY A 1 12.70 -5.16 17.41
N SER A 2 12.24 -5.35 16.19
CA SER A 2 12.93 -6.19 15.22
C SER A 2 13.04 -5.50 13.86
N ASP A 3 11.94 -4.89 13.42
CA ASP A 3 11.93 -4.20 12.14
C ASP A 3 11.19 -2.85 12.24
N LYS A 4 9.97 -2.81 11.70
CA LYS A 4 9.17 -1.59 11.72
C LYS A 4 9.17 -0.93 13.09
N THR A 5 9.02 -1.74 14.14
CA THR A 5 9.01 -1.22 15.51
C THR A 5 9.15 -2.33 16.53
N LEU A 6 8.71 -3.51 16.15
CA LEU A 6 8.77 -4.68 17.00
C LEU A 6 8.08 -5.87 16.34
N PRO A 7 6.81 -5.69 15.91
CA PRO A 7 6.08 -6.77 15.26
C PRO A 7 6.85 -7.26 14.04
N ASP A 8 7.71 -6.38 13.51
CA ASP A 8 8.54 -6.67 12.35
C ASP A 8 7.87 -7.64 11.39
N GLN A 9 6.58 -7.44 11.21
CA GLN A 9 5.78 -8.27 10.30
C GLN A 9 6.13 -9.76 10.45
N GLY A 10 5.76 -10.34 11.59
CA GLY A 10 6.04 -11.73 11.84
C GLY A 10 4.82 -12.48 12.35
N ASP A 11 4.27 -12.01 13.46
CA ASP A 11 3.10 -12.64 14.05
C ASP A 11 1.81 -12.03 13.48
N ASN A 12 1.89 -10.76 13.09
CA ASN A 12 0.73 -10.08 12.53
C ASN A 12 1.17 -8.87 11.71
N ASP A 13 1.33 -9.07 10.40
CA ASP A 13 1.75 -8.00 9.50
C ASP A 13 0.56 -7.47 8.71
N ASN A 14 -0.34 -8.36 8.34
CA ASN A 14 -1.53 -7.99 7.57
C ASN A 14 -2.33 -6.89 8.27
N TRP A 15 -2.14 -6.76 9.58
CA TRP A 15 -2.85 -5.73 10.36
C TRP A 15 -2.75 -4.37 9.69
N TRP A 16 -1.67 -4.15 8.93
CA TRP A 16 -1.47 -2.88 8.24
C TRP A 16 -0.68 -3.09 6.95
N THR A 17 -0.73 -4.30 6.41
CA THR A 17 -0.03 -4.61 5.16
C THR A 17 -0.59 -5.86 4.50
N GLY A 18 -1.87 -6.14 4.75
CA GLY A 18 -2.50 -7.30 4.17
C GLY A 18 -3.98 -7.11 3.94
N TRP A 19 -4.78 -7.36 4.98
CA TRP A 19 -6.22 -7.21 4.89
C TRP A 19 -6.63 -5.75 5.03
N ARG A 20 -5.76 -4.94 5.62
CA ARG A 20 -6.02 -3.52 5.80
C ARG A 20 -5.60 -2.75 4.56
N GLN A 21 -4.80 -3.39 3.71
CA GLN A 21 -4.31 -2.77 2.49
C GLN A 21 -5.43 -2.63 1.45
N TRP A 22 -6.51 -3.37 1.65
CA TRP A 22 -7.63 -3.32 0.73
C TRP A 22 -8.90 -3.90 1.35
N ILE A 23 -9.28 -3.36 2.51
CA ILE A 23 -10.49 -3.83 3.20
C ILE A 23 -11.74 -3.43 2.43
N PRO A 24 -11.87 -2.14 2.08
CA PRO A 24 -13.02 -1.62 1.36
C PRO A 24 -12.78 -1.56 -0.15
N ALA A 25 -12.08 -0.53 -0.60
CA ALA A 25 -11.78 -0.34 -2.03
C ALA A 25 -11.18 1.04 -2.28
N GLY A 26 -9.88 1.07 -2.53
CA GLY A 26 -9.20 2.32 -2.79
C GLY A 26 -8.38 2.80 -1.61
N ILE A 27 -7.79 1.85 -0.88
CA ILE A 27 -6.97 2.18 0.28
C ILE A 27 -5.51 1.82 0.06
N GLY A 28 -5.28 0.67 -0.59
CA GLY A 28 -3.92 0.24 -0.87
C GLY A 28 -3.79 -0.31 -2.27
N VAL A 29 -4.59 -1.34 -2.57
CA VAL A 29 -4.58 -1.95 -3.88
C VAL A 29 -5.07 -0.94 -4.92
N THR A 30 -6.07 -0.17 -4.51
CA THR A 30 -6.64 0.87 -5.37
C THR A 30 -6.39 2.24 -4.75
N GLY A 31 -6.07 2.26 -3.46
CA GLY A 31 -5.80 3.50 -2.77
C GLY A 31 -4.39 4.01 -3.00
N VAL A 32 -3.42 3.12 -2.88
CA VAL A 32 -2.01 3.46 -3.09
C VAL A 32 -1.67 3.43 -4.58
N VAL A 33 -1.84 2.26 -5.17
CA VAL A 33 -1.57 2.06 -6.59
C VAL A 33 -2.08 3.22 -7.43
N ILE A 34 -3.16 3.83 -6.98
CA ILE A 34 -3.77 4.94 -7.69
C ILE A 34 -3.03 6.25 -7.43
N ALA A 35 -2.50 6.40 -6.23
CA ALA A 35 -1.76 7.60 -5.86
C ALA A 35 -0.32 7.53 -6.37
N VAL A 36 0.20 6.32 -6.51
CA VAL A 36 1.56 6.13 -6.99
C VAL A 36 1.59 6.14 -8.52
N ILE A 37 0.53 5.60 -9.11
CA ILE A 37 0.40 5.55 -10.55
C ILE A 37 -0.06 6.90 -11.07
N ALA A 38 -0.93 7.55 -10.31
CA ALA A 38 -1.47 8.84 -10.67
C ALA A 38 -0.40 9.75 -11.26
N LEU A 39 0.83 9.59 -10.80
CA LEU A 39 1.94 10.38 -11.30
C LEU A 39 2.53 9.76 -12.56
N PHE A 40 3.06 8.55 -12.43
CA PHE A 40 3.65 7.85 -13.56
C PHE A 40 2.65 7.76 -14.71
N ALA A 41 1.37 7.83 -14.37
CA ALA A 41 0.31 7.76 -15.35
C ALA A 41 0.27 9.04 -16.20
N ILE A 42 0.81 10.13 -15.66
CA ILE A 42 0.82 11.40 -16.40
C ILE A 42 1.97 11.43 -17.39
N ALA A 43 3.16 11.14 -16.91
CA ALA A 43 4.35 11.12 -17.73
C ALA A 43 4.14 10.33 -19.01
N LYS A 44 3.33 9.29 -18.90
CA LYS A 44 3.05 8.42 -20.05
C LYS A 44 1.83 8.91 -20.83
N PHE A 45 1.03 9.77 -20.21
CA PHE A 45 -0.16 10.30 -20.86
C PHE A 45 0.11 11.67 -21.47
N VAL A 46 1.02 12.43 -20.87
CA VAL A 46 1.36 13.76 -21.36
C VAL A 46 2.58 13.71 -22.26
N PHE A 47 3.14 12.53 -22.44
CA PHE A 47 4.32 12.35 -23.30
C PHE A 47 4.18 11.10 -24.17
N GLY A 1 13.65 -3.97 16.72
CA GLY A 1 13.90 -3.19 15.48
C GLY A 1 13.54 -3.96 14.22
N SER A 2 14.52 -4.68 13.67
CA SER A 2 14.31 -5.47 12.47
C SER A 2 13.92 -4.57 11.30
N ASP A 3 12.63 -4.24 11.19
CA ASP A 3 12.15 -3.38 10.12
C ASP A 3 11.45 -2.14 10.67
N LYS A 4 10.12 -2.17 10.70
CA LYS A 4 9.32 -1.05 11.19
C LYS A 4 9.72 -0.68 12.61
N THR A 5 9.86 -1.69 13.46
CA THR A 5 10.24 -1.46 14.86
C THR A 5 10.63 -2.74 15.58
N LEU A 6 10.13 -3.84 15.08
CA LEU A 6 10.42 -5.16 15.64
C LEU A 6 9.63 -6.25 14.91
N PRO A 7 8.30 -6.17 14.89
CA PRO A 7 7.49 -7.16 14.20
C PRO A 7 7.88 -7.28 12.75
N ASP A 8 8.55 -6.23 12.25
CA ASP A 8 9.02 -6.17 10.87
C ASP A 8 8.13 -6.94 9.91
N GLN A 9 6.83 -6.84 10.13
CA GLN A 9 5.84 -7.51 9.30
C GLN A 9 6.14 -9.00 9.20
N GLY A 10 5.45 -9.79 10.01
CA GLY A 10 5.65 -11.23 10.00
C GLY A 10 4.63 -11.96 10.85
N ASP A 11 4.33 -11.40 12.01
CA ASP A 11 3.37 -12.01 12.93
C ASP A 11 1.94 -11.64 12.54
N ASN A 12 1.77 -10.42 12.05
CA ASN A 12 0.45 -9.93 11.63
C ASN A 12 0.56 -8.64 10.84
N ASP A 13 1.48 -8.63 9.87
CA ASP A 13 1.69 -7.45 9.02
C ASP A 13 0.38 -6.95 8.44
N ASN A 14 -0.58 -7.85 8.27
CA ASN A 14 -1.88 -7.51 7.72
C ASN A 14 -2.53 -6.34 8.45
N TRP A 15 -2.07 -6.07 9.67
CA TRP A 15 -2.62 -4.97 10.46
C TRP A 15 -2.69 -3.68 9.65
N TRP A 16 -1.79 -3.54 8.69
CA TRP A 16 -1.75 -2.36 7.83
C TRP A 16 -1.19 -2.69 6.45
N THR A 17 -1.29 -3.96 6.05
CA THR A 17 -0.81 -4.40 4.75
C THR A 17 -1.51 -5.68 4.31
N GLY A 18 -2.70 -5.91 4.83
CA GLY A 18 -3.45 -7.10 4.46
C GLY A 18 -4.93 -6.82 4.32
N TRP A 19 -5.73 -7.37 5.23
CA TRP A 19 -7.17 -7.17 5.20
C TRP A 19 -7.52 -5.69 5.32
N ARG A 20 -6.59 -4.91 5.87
CA ARG A 20 -6.79 -3.48 6.03
C ARG A 20 -6.38 -2.74 4.76
N GLN A 21 -5.58 -3.41 3.94
CA GLN A 21 -5.11 -2.81 2.70
C GLN A 21 -6.24 -2.67 1.69
N TRP A 22 -7.25 -3.54 1.82
CA TRP A 22 -8.39 -3.51 0.92
C TRP A 22 -9.63 -4.07 1.60
N ILE A 23 -10.03 -3.46 2.70
CA ILE A 23 -11.22 -3.92 3.43
C ILE A 23 -12.46 -3.76 2.57
N PRO A 24 -12.64 -2.58 1.93
CA PRO A 24 -13.78 -2.29 1.09
C PRO A 24 -13.50 -2.56 -0.40
N ALA A 25 -12.75 -1.65 -1.02
CA ALA A 25 -12.40 -1.76 -2.44
C ALA A 25 -11.86 -0.44 -2.96
N GLY A 26 -10.53 -0.31 -2.97
CA GLY A 26 -9.91 0.91 -3.44
C GLY A 26 -9.42 1.78 -2.31
N ILE A 27 -8.78 1.15 -1.32
CA ILE A 27 -8.25 1.87 -0.17
C ILE A 27 -6.73 1.80 -0.12
N GLY A 28 -6.18 0.64 -0.45
CA GLY A 28 -4.74 0.46 -0.44
C GLY A 28 -4.27 -0.26 -1.69
N VAL A 29 -4.82 -1.45 -1.91
CA VAL A 29 -4.47 -2.24 -3.08
C VAL A 29 -4.88 -1.50 -4.34
N THR A 30 -6.08 -0.92 -4.30
CA THR A 30 -6.61 -0.15 -5.40
C THR A 30 -6.77 1.31 -4.99
N GLY A 31 -6.74 1.57 -3.68
CA GLY A 31 -6.88 2.93 -3.19
C GLY A 31 -5.56 3.68 -3.21
N VAL A 32 -4.50 3.04 -2.73
CA VAL A 32 -3.17 3.65 -2.70
C VAL A 32 -2.49 3.50 -4.06
N VAL A 33 -2.33 2.24 -4.47
CA VAL A 33 -1.70 1.92 -5.75
C VAL A 33 -2.21 2.85 -6.85
N ILE A 34 -3.45 3.28 -6.74
CA ILE A 34 -4.06 4.15 -7.72
C ILE A 34 -3.67 5.61 -7.48
N ALA A 35 -3.51 5.98 -6.21
CA ALA A 35 -3.14 7.34 -5.86
C ALA A 35 -1.63 7.55 -6.00
N VAL A 36 -0.86 6.48 -5.84
CA VAL A 36 0.58 6.55 -5.95
C VAL A 36 1.00 6.45 -7.42
N ILE A 37 0.24 5.66 -8.17
CA ILE A 37 0.50 5.47 -9.59
C ILE A 37 -0.09 6.62 -10.38
N ALA A 38 -1.25 7.10 -9.93
CA ALA A 38 -1.95 8.19 -10.59
C ALA A 38 -0.97 9.29 -11.02
N LEU A 39 0.10 9.47 -10.25
CA LEU A 39 1.10 10.47 -10.56
C LEU A 39 2.12 9.92 -11.56
N PHE A 40 2.84 8.87 -11.15
CA PHE A 40 3.84 8.25 -12.02
C PHE A 40 3.22 7.86 -13.35
N ALA A 41 1.90 7.66 -13.33
CA ALA A 41 1.17 7.29 -14.53
C ALA A 41 1.02 8.48 -15.48
N ILE A 42 1.14 9.70 -14.94
CA ILE A 42 1.01 10.89 -15.76
C ILE A 42 2.27 11.12 -16.60
N ALA A 43 3.39 11.17 -15.91
CA ALA A 43 4.67 11.37 -16.56
C ALA A 43 4.82 10.44 -17.75
N LYS A 44 4.81 9.15 -17.47
CA LYS A 44 4.94 8.14 -18.52
C LYS A 44 3.86 8.32 -19.59
N PHE A 45 2.77 9.00 -19.23
CA PHE A 45 1.68 9.24 -20.17
C PHE A 45 2.13 10.13 -21.31
N VAL A 46 2.78 11.24 -20.97
CA VAL A 46 3.25 12.19 -21.97
C VAL A 46 4.75 12.03 -22.20
N PHE A 47 5.50 11.85 -21.13
CA PHE A 47 6.96 11.68 -21.21
C PHE A 47 7.43 10.59 -20.25
N GLY A 1 11.26 -2.93 17.61
CA GLY A 1 11.46 -2.15 16.36
C GLY A 1 12.48 -2.79 15.43
N SER A 2 12.00 -3.60 14.50
CA SER A 2 12.88 -4.27 13.56
C SER A 2 12.75 -3.66 12.17
N ASP A 3 11.52 -3.35 11.76
CA ASP A 3 11.28 -2.74 10.45
C ASP A 3 10.29 -1.60 10.54
N LYS A 4 9.04 -1.88 10.20
CA LYS A 4 7.98 -0.88 10.23
C LYS A 4 7.95 -0.12 11.55
N THR A 5 8.08 -0.85 12.65
CA THR A 5 8.07 -0.22 13.98
C THR A 5 8.30 -1.22 15.10
N LEU A 6 8.07 -2.48 14.80
CA LEU A 6 8.26 -3.57 15.75
C LEU A 6 7.85 -4.90 15.16
N PRO A 7 6.60 -5.05 14.72
CA PRO A 7 6.13 -6.29 14.13
C PRO A 7 6.99 -6.66 12.93
N ASP A 8 7.68 -5.65 12.38
CA ASP A 8 8.58 -5.82 11.24
C ASP A 8 8.16 -6.97 10.33
N GLN A 9 6.87 -7.05 10.10
CA GLN A 9 6.29 -8.10 9.24
C GLN A 9 6.91 -9.46 9.53
N GLY A 10 6.53 -10.05 10.65
CA GLY A 10 7.05 -11.35 11.02
C GLY A 10 6.00 -12.25 11.65
N ASP A 11 5.37 -11.76 12.71
CA ASP A 11 4.34 -12.52 13.40
C ASP A 11 2.95 -12.16 12.88
N ASN A 12 2.81 -10.92 12.44
CA ASN A 12 1.53 -10.45 11.91
C ASN A 12 1.70 -9.15 11.13
N ASP A 13 1.71 -9.27 9.80
CA ASP A 13 1.87 -8.10 8.94
C ASP A 13 0.54 -7.68 8.35
N ASN A 14 -0.33 -8.65 8.08
CA ASN A 14 -1.65 -8.39 7.51
C ASN A 14 -2.42 -7.36 8.32
N TRP A 15 -2.05 -7.20 9.59
CA TRP A 15 -2.72 -6.24 10.46
C TRP A 15 -2.85 -4.87 9.79
N TRP A 16 -1.92 -4.57 8.89
CA TRP A 16 -1.93 -3.29 8.18
C TRP A 16 -1.34 -3.43 6.79
N THR A 17 -1.30 -4.65 6.27
CA THR A 17 -0.77 -4.91 4.94
C THR A 17 -1.35 -6.19 4.33
N GLY A 18 -2.54 -6.56 4.78
CA GLY A 18 -3.19 -7.76 4.28
C GLY A 18 -4.68 -7.57 4.09
N TRP A 19 -5.46 -8.03 5.08
CA TRP A 19 -6.91 -7.90 5.01
C TRP A 19 -7.32 -6.44 5.10
N ARG A 20 -6.50 -5.63 5.77
CA ARG A 20 -6.75 -4.21 5.91
C ARG A 20 -6.20 -3.44 4.72
N GLN A 21 -5.40 -4.11 3.91
CA GLN A 21 -4.80 -3.50 2.75
C GLN A 21 -5.85 -3.15 1.69
N TRP A 22 -7.06 -3.68 1.86
CA TRP A 22 -8.13 -3.43 0.91
C TRP A 22 -9.49 -3.82 1.49
N ILE A 23 -9.73 -3.42 2.74
CA ILE A 23 -10.99 -3.73 3.41
C ILE A 23 -12.07 -2.67 3.16
N PRO A 24 -11.70 -1.39 3.00
CA PRO A 24 -12.66 -0.31 2.77
C PRO A 24 -12.89 -0.03 1.29
N ALA A 25 -12.12 -0.70 0.43
CA ALA A 25 -12.24 -0.50 -1.01
C ALA A 25 -11.60 0.82 -1.42
N GLY A 26 -10.32 0.77 -1.76
CA GLY A 26 -9.60 1.96 -2.17
C GLY A 26 -8.68 2.47 -1.08
N ILE A 27 -7.94 1.56 -0.45
CA ILE A 27 -7.00 1.91 0.61
C ILE A 27 -5.55 1.65 0.21
N GLY A 28 -5.32 0.54 -0.49
CA GLY A 28 -3.98 0.19 -0.93
C GLY A 28 -3.95 -0.21 -2.38
N VAL A 29 -4.70 -1.25 -2.71
CA VAL A 29 -4.77 -1.73 -4.08
C VAL A 29 -5.34 -0.64 -4.99
N THR A 30 -6.32 0.08 -4.47
CA THR A 30 -6.95 1.17 -5.19
C THR A 30 -6.77 2.48 -4.42
N GLY A 31 -6.45 2.38 -3.13
CA GLY A 31 -6.25 3.56 -2.33
C GLY A 31 -4.86 4.15 -2.48
N VAL A 32 -3.85 3.31 -2.29
CA VAL A 32 -2.45 3.74 -2.40
C VAL A 32 -2.00 3.73 -3.86
N VAL A 33 -2.05 2.54 -4.47
CA VAL A 33 -1.65 2.36 -5.86
C VAL A 33 -2.18 3.48 -6.75
N ILE A 34 -3.34 4.00 -6.39
CA ILE A 34 -3.96 5.06 -7.16
C ILE A 34 -3.24 6.39 -6.93
N ALA A 35 -2.74 6.58 -5.71
CA ALA A 35 -2.01 7.79 -5.36
C ALA A 35 -0.56 7.70 -5.83
N VAL A 36 -0.08 6.46 -5.99
CA VAL A 36 1.28 6.22 -6.42
C VAL A 36 1.36 6.29 -7.94
N ILE A 37 0.40 5.62 -8.58
CA ILE A 37 0.31 5.60 -10.02
C ILE A 37 -0.03 6.98 -10.55
N ALA A 38 -0.85 7.70 -9.79
CA ALA A 38 -1.26 9.05 -10.17
C ALA A 38 -0.10 9.84 -10.75
N LEU A 39 1.10 9.58 -10.21
CA LEU A 39 2.30 10.26 -10.68
C LEU A 39 2.88 9.56 -11.89
N PHE A 40 3.30 8.31 -11.71
CA PHE A 40 3.86 7.52 -12.79
C PHE A 40 2.94 7.52 -14.00
N ALA A 41 1.65 7.71 -13.74
CA ALA A 41 0.66 7.75 -14.80
C ALA A 41 0.81 8.99 -15.66
N ILE A 42 1.45 10.03 -15.11
CA ILE A 42 1.65 11.27 -15.84
C ILE A 42 2.88 11.19 -16.71
N ALA A 43 3.92 10.59 -16.18
CA ALA A 43 5.17 10.44 -16.91
C ALA A 43 4.95 9.66 -18.20
N LYS A 44 4.00 8.75 -18.16
CA LYS A 44 3.67 7.94 -19.32
C LYS A 44 2.60 8.61 -20.18
N PHE A 45 1.91 9.58 -19.59
CA PHE A 45 0.85 10.30 -20.29
C PHE A 45 1.40 11.56 -20.95
N VAL A 46 2.37 12.19 -20.30
CA VAL A 46 2.97 13.41 -20.82
C VAL A 46 4.22 13.10 -21.64
N PHE A 47 4.72 11.88 -21.52
CA PHE A 47 5.92 11.47 -22.24
C PHE A 47 5.70 10.14 -22.95
N GLY A 1 13.33 -2.20 19.15
CA GLY A 1 12.45 -3.29 18.66
C GLY A 1 13.19 -4.29 17.79
N SER A 2 12.44 -5.13 17.09
CA SER A 2 13.03 -6.13 16.21
C SER A 2 13.21 -5.59 14.79
N ASP A 3 12.16 -4.98 14.26
CA ASP A 3 12.22 -4.41 12.91
C ASP A 3 11.49 -3.06 12.85
N LYS A 4 10.23 -3.09 12.43
CA LYS A 4 9.43 -1.88 12.32
C LYS A 4 9.35 -1.14 13.65
N THR A 5 9.22 -1.90 14.73
CA THR A 5 9.15 -1.30 16.08
C THR A 5 9.15 -2.37 17.17
N LEU A 6 8.72 -3.54 16.79
CA LEU A 6 8.66 -4.68 17.71
C LEU A 6 8.00 -5.88 17.05
N PRO A 7 6.79 -5.70 16.50
CA PRO A 7 6.09 -6.79 15.83
C PRO A 7 6.95 -7.37 14.72
N ASP A 8 7.88 -6.54 14.23
CA ASP A 8 8.82 -6.91 13.18
C ASP A 8 8.26 -8.00 12.26
N GLN A 9 7.03 -7.80 11.84
CA GLN A 9 6.36 -8.75 10.95
C GLN A 9 6.45 -10.18 11.49
N GLY A 10 5.96 -10.37 12.71
CA GLY A 10 5.99 -11.68 13.33
C GLY A 10 4.61 -12.19 13.70
N ASP A 11 3.81 -11.31 14.30
CA ASP A 11 2.46 -11.67 14.70
C ASP A 11 1.44 -11.21 13.66
N ASN A 12 1.39 -11.93 12.54
CA ASN A 12 0.46 -11.60 11.46
C ASN A 12 0.74 -10.20 10.92
N ASP A 13 1.71 -10.10 10.02
CA ASP A 13 2.07 -8.82 9.42
C ASP A 13 0.88 -8.22 8.68
N ASN A 14 -0.05 -9.06 8.26
CA ASN A 14 -1.24 -8.61 7.55
C ASN A 14 -2.02 -7.57 8.35
N TRP A 15 -1.78 -7.52 9.66
CA TRP A 15 -2.47 -6.55 10.53
C TRP A 15 -2.43 -5.14 9.93
N TRP A 16 -1.39 -4.86 9.16
CA TRP A 16 -1.25 -3.55 8.54
C TRP A 16 -0.52 -3.65 7.19
N THR A 17 -0.52 -4.84 6.61
CA THR A 17 0.13 -5.05 5.32
C THR A 17 -0.45 -6.27 4.60
N GLY A 18 -1.71 -6.58 4.90
CA GLY A 18 -2.35 -7.72 4.27
C GLY A 18 -3.82 -7.46 3.97
N TRP A 19 -4.68 -7.80 4.93
CA TRP A 19 -6.11 -7.58 4.77
C TRP A 19 -6.47 -6.10 4.85
N ARG A 20 -5.59 -5.32 5.48
CA ARG A 20 -5.80 -3.88 5.61
C ARG A 20 -5.27 -3.15 4.39
N GLN A 21 -4.52 -3.87 3.55
CA GLN A 21 -3.94 -3.29 2.35
C GLN A 21 -5.03 -2.90 1.35
N TRP A 22 -6.24 -3.41 1.57
CA TRP A 22 -7.36 -3.12 0.69
C TRP A 22 -8.68 -3.57 1.29
N ILE A 23 -8.94 -3.15 2.52
CA ILE A 23 -10.17 -3.52 3.21
C ILE A 23 -11.31 -2.53 2.95
N PRO A 24 -11.02 -1.22 2.75
CA PRO A 24 -12.05 -0.22 2.51
C PRO A 24 -12.33 0.00 1.03
N ALA A 25 -11.51 -0.61 0.18
CA ALA A 25 -11.67 -0.47 -1.27
C ALA A 25 -11.15 0.89 -1.73
N GLY A 26 -9.89 0.93 -2.12
CA GLY A 26 -9.26 2.16 -2.56
C GLY A 26 -8.35 2.75 -1.51
N ILE A 27 -7.54 1.90 -0.89
CA ILE A 27 -6.60 2.33 0.15
C ILE A 27 -5.16 2.11 -0.29
N GLY A 28 -4.91 0.99 -0.97
CA GLY A 28 -3.57 0.68 -1.44
C GLY A 28 -3.58 0.15 -2.85
N VAL A 29 -4.32 -0.93 -3.06
CA VAL A 29 -4.43 -1.53 -4.38
C VAL A 29 -5.09 -0.54 -5.34
N THR A 30 -6.06 0.19 -4.82
CA THR A 30 -6.78 1.19 -5.59
C THR A 30 -6.61 2.57 -4.94
N GLY A 31 -6.21 2.58 -3.66
CA GLY A 31 -6.03 3.83 -2.95
C GLY A 31 -4.67 4.45 -3.23
N VAL A 32 -3.61 3.67 -3.04
CA VAL A 32 -2.25 4.14 -3.27
C VAL A 32 -1.89 4.05 -4.74
N VAL A 33 -1.95 2.83 -5.27
CA VAL A 33 -1.64 2.57 -6.68
C VAL A 33 -2.24 3.65 -7.58
N ILE A 34 -3.38 4.18 -7.17
CA ILE A 34 -4.07 5.20 -7.95
C ILE A 34 -3.43 6.57 -7.75
N ALA A 35 -2.97 6.85 -6.54
CA ALA A 35 -2.35 8.13 -6.22
C ALA A 35 -0.89 8.16 -6.66
N VAL A 36 -0.26 6.99 -6.70
CA VAL A 36 1.14 6.89 -7.10
C VAL A 36 1.25 6.83 -8.62
N ILE A 37 0.29 6.17 -9.23
CA ILE A 37 0.24 6.02 -10.68
C ILE A 37 -0.33 7.27 -11.31
N ALA A 38 -1.33 7.85 -10.66
CA ALA A 38 -1.99 9.05 -11.15
C ALA A 38 -0.97 10.04 -11.72
N LEU A 39 0.22 10.06 -11.14
CA LEU A 39 1.28 10.94 -11.60
C LEU A 39 2.04 10.32 -12.77
N PHE A 40 2.69 9.19 -12.51
CA PHE A 40 3.46 8.50 -13.54
C PHE A 40 2.58 8.25 -14.76
N ALA A 41 1.28 8.17 -14.53
CA ALA A 41 0.32 7.93 -15.59
C ALA A 41 0.24 9.14 -16.53
N ILE A 42 0.65 10.31 -16.04
CA ILE A 42 0.62 11.52 -16.85
C ILE A 42 1.87 11.64 -17.70
N ALA A 43 2.99 11.31 -17.10
CA ALA A 43 4.27 11.38 -17.79
C ALA A 43 4.27 10.50 -19.03
N LYS A 44 3.53 9.41 -18.96
CA LYS A 44 3.43 8.47 -20.07
C LYS A 44 2.28 8.84 -20.99
N PHE A 45 1.35 9.66 -20.50
CA PHE A 45 0.20 10.09 -21.28
C PHE A 45 0.47 11.42 -21.98
N VAL A 46 1.26 12.27 -21.33
CA VAL A 46 1.59 13.58 -21.90
C VAL A 46 2.90 13.54 -22.65
N PHE A 47 3.58 12.40 -22.61
CA PHE A 47 4.86 12.25 -23.31
C PHE A 47 4.94 10.90 -24.02
N GLY A 1 13.14 -7.15 19.85
CA GLY A 1 12.47 -6.64 18.63
C GLY A 1 13.28 -6.90 17.37
N SER A 2 12.66 -6.67 16.22
CA SER A 2 13.33 -6.89 14.94
C SER A 2 13.45 -5.58 14.16
N ASP A 3 12.34 -4.85 14.05
CA ASP A 3 12.34 -3.58 13.33
C ASP A 3 11.56 -2.51 14.11
N LYS A 4 10.28 -2.37 13.78
CA LYS A 4 9.43 -1.38 14.43
C LYS A 4 9.41 -1.58 15.94
N THR A 5 9.43 -2.83 16.37
CA THR A 5 9.43 -3.15 17.80
C THR A 5 9.52 -4.65 18.05
N LEU A 6 9.04 -5.39 17.09
CA LEU A 6 9.08 -6.85 17.14
C LEU A 6 8.41 -7.46 15.91
N PRO A 7 7.17 -7.07 15.60
CA PRO A 7 6.48 -7.58 14.42
C PRO A 7 7.30 -7.31 13.17
N ASP A 8 8.16 -6.29 13.27
CA ASP A 8 9.05 -5.89 12.18
C ASP A 8 8.47 -6.17 10.81
N GLN A 9 7.18 -5.90 10.69
CA GLN A 9 6.44 -6.10 9.43
C GLN A 9 6.92 -7.34 8.67
N GLY A 10 6.56 -8.51 9.17
CA GLY A 10 6.95 -9.74 8.51
C GLY A 10 6.14 -10.93 8.95
N ASP A 11 5.94 -11.07 10.26
CA ASP A 11 5.17 -12.18 10.81
C ASP A 11 3.67 -11.94 10.64
N ASN A 12 3.25 -10.70 10.83
CA ASN A 12 1.85 -10.34 10.69
C ASN A 12 1.69 -8.88 10.30
N ASP A 13 2.46 -8.46 9.31
CA ASP A 13 2.42 -7.08 8.83
C ASP A 13 1.06 -6.76 8.21
N ASN A 14 0.46 -7.78 7.60
CA ASN A 14 -0.85 -7.62 6.95
C ASN A 14 -1.86 -6.96 7.87
N TRP A 15 -1.66 -7.10 9.18
CA TRP A 15 -2.57 -6.52 10.16
C TRP A 15 -2.86 -5.05 9.85
N TRP A 16 -1.91 -4.39 9.19
CA TRP A 16 -2.07 -2.99 8.82
C TRP A 16 -1.34 -2.65 7.52
N THR A 17 -1.10 -3.68 6.71
CA THR A 17 -0.40 -3.48 5.44
C THR A 17 -0.68 -4.64 4.48
N GLY A 18 -1.82 -5.29 4.66
CA GLY A 18 -2.18 -6.41 3.80
C GLY A 18 -3.66 -6.45 3.50
N TRP A 19 -4.40 -7.24 4.28
CA TRP A 19 -5.84 -7.36 4.09
C TRP A 19 -6.53 -6.03 4.39
N ARG A 20 -5.87 -5.17 5.15
CA ARG A 20 -6.40 -3.87 5.50
C ARG A 20 -6.06 -2.85 4.42
N GLN A 21 -5.05 -3.18 3.62
CA GLN A 21 -4.60 -2.30 2.54
C GLN A 21 -5.64 -2.21 1.42
N TRP A 22 -6.62 -3.11 1.43
CA TRP A 22 -7.64 -3.11 0.41
C TRP A 22 -8.94 -3.74 0.93
N ILE A 23 -9.35 -3.33 2.12
CA ILE A 23 -10.59 -3.86 2.71
C ILE A 23 -11.82 -3.33 1.98
N PRO A 24 -12.03 -2.01 2.00
CA PRO A 24 -13.17 -1.38 1.33
C PRO A 24 -13.05 -1.35 -0.20
N ALA A 25 -11.92 -1.84 -0.71
CA ALA A 25 -11.68 -1.85 -2.14
C ALA A 25 -11.39 -0.45 -2.65
N GLY A 26 -10.11 -0.09 -2.67
CA GLY A 26 -9.71 1.23 -3.12
C GLY A 26 -9.34 2.13 -1.96
N ILE A 27 -8.48 1.62 -1.08
CA ILE A 27 -8.03 2.37 0.08
C ILE A 27 -6.53 2.67 0.02
N GLY A 28 -5.76 1.69 -0.45
CA GLY A 28 -4.32 1.86 -0.55
C GLY A 28 -3.77 1.27 -1.83
N VAL A 29 -3.95 -0.04 -1.97
CA VAL A 29 -3.49 -0.74 -3.16
C VAL A 29 -4.23 -0.21 -4.38
N THR A 30 -5.51 0.10 -4.18
CA THR A 30 -6.36 0.66 -5.23
C THR A 30 -6.83 2.06 -4.84
N GLY A 31 -6.73 2.38 -3.55
CA GLY A 31 -7.15 3.68 -3.08
C GLY A 31 -6.09 4.76 -3.27
N VAL A 32 -4.91 4.52 -2.71
CA VAL A 32 -3.80 5.46 -2.82
C VAL A 32 -3.06 5.30 -4.14
N VAL A 33 -2.51 4.11 -4.33
CA VAL A 33 -1.76 3.78 -5.54
C VAL A 33 -2.46 4.29 -6.80
N ILE A 34 -3.77 4.34 -6.75
CA ILE A 34 -4.56 4.80 -7.88
C ILE A 34 -4.48 6.31 -8.02
N ALA A 35 -4.46 7.00 -6.89
CA ALA A 35 -4.38 8.45 -6.87
C ALA A 35 -2.94 8.93 -7.04
N VAL A 36 -1.99 8.07 -6.69
CA VAL A 36 -0.57 8.39 -6.81
C VAL A 36 -0.09 8.09 -8.23
N ILE A 37 -0.54 6.97 -8.75
CA ILE A 37 -0.19 6.53 -10.09
C ILE A 37 -0.84 7.42 -11.13
N ALA A 38 -2.07 7.85 -10.83
CA ALA A 38 -2.81 8.71 -11.74
C ALA A 38 -1.92 9.77 -12.37
N LEU A 39 -0.93 10.22 -11.60
CA LEU A 39 0.01 11.23 -12.07
C LEU A 39 1.15 10.57 -12.84
N PHE A 40 1.93 9.74 -12.13
CA PHE A 40 3.05 9.05 -12.74
C PHE A 40 2.61 8.29 -13.99
N ALA A 41 1.34 7.94 -14.04
CA ALA A 41 0.78 7.22 -15.17
C ALA A 41 0.69 8.12 -16.40
N ILE A 42 0.62 9.44 -16.17
CA ILE A 42 0.53 10.38 -17.28
C ILE A 42 1.90 10.73 -17.80
N ALA A 43 2.86 10.76 -16.90
CA ALA A 43 4.24 11.06 -17.27
C ALA A 43 4.78 10.02 -18.23
N LYS A 44 4.33 8.79 -18.04
CA LYS A 44 4.75 7.69 -18.89
C LYS A 44 3.82 7.54 -20.09
N PHE A 45 2.63 8.13 -19.99
CA PHE A 45 1.65 8.06 -21.07
C PHE A 45 1.80 9.24 -22.01
N VAL A 46 2.16 10.39 -21.48
CA VAL A 46 2.34 11.60 -22.28
C VAL A 46 3.79 11.77 -22.71
N PHE A 47 4.69 11.00 -22.11
CA PHE A 47 6.11 11.08 -22.44
C PHE A 47 6.70 9.69 -22.66
#